data_8PNF
#
_entry.id   8PNF
#
loop_
_entity.id
_entity.type
_entity.pdbx_description
1 polymer 'Capsid protein VP1'
2 polymer 'Capsid protein VP2'
3 polymer 'Capsid protein VP3'
4 polymer 'Capsid protein VP4'
5 polymer "RNA (5'-R(P*AP*UP*UP*UP*UP*UP*UP*UP*UP*UP*UP*UP*UP*U)-3')"
#
loop_
_entity_poly.entity_id
_entity_poly.type
_entity_poly.pdbx_seq_one_letter_code
_entity_poly.pdbx_strand_id
1 'polypeptide(L)'
;EEVIVEKTKQTVASISSGPKHTQKVPILTANETGATMPVLPSDSIETRTTYMHFNGSETDVECFLGRAACVHVTEIQNKD
ATGIDNHREAKLFNDWKINLSSLVQLRKKLELFTYVRFDSEYTILATASQPDSANYSSNLVVQAMYVPPGAPNPKEWDDY
TWQSASNPSVFFKVGDTSRFSVPYVGLASAYNCFYDGYSHDDAETQYGITVLNHMGSMAFRIVNEHDEHKTLVKIRVYHR
AKHVEAWIPRAPRALPYTSIGRTNYPKNTEPVIKKRKGDIKSY
;
1
2 'polypeptide(L)'
;CGYSDRVQQITLGNSTITTQEAANAVVCYAEWPEYLPDVDASDVNKTSKPDTSVCRFYTLDSKTWTTGSKGWCWKLPDAL
KDMGVFGQNMFFHSLGRSGYTVHVQCNATKFHSGCLLVVVIPEHQLASHEGGNVSVKYTFTHPGERGIDLSSANEVGGPV
KDVLYNMNGTLLGNLLIFPHQFINLRTNNTATIVIPYINSVPIDSMTRHNNVSLMVIPIAPLTVPTGATPSLPITVTIAP
MCTEFSGIRSKSIVPQ
;
2
3 'polypeptide(L)'
;GLPTTTLPGSGQFLTTDDRQSPSALPNYEPTPRIHIPGKVHNLLEIIQVDTLIPMNNTHTKDEVNSYLIPLNANRQNEQV
FGTNLFIGDGVFKTTLLGEIVQYYTHWSGSLRFSLMYTGPALSSAKLILAYTPPGARGPQDRREAMLGTHVVWDIGLQST
IVMTIPWTSGVQFRYTDPDTYTSAGFLSCWYQTSLILPPETTGQVYLLSFISACPDFKLRLMKDTQTISQTVALTE
;
3
4 'polypeptide(L)' SNQTFTYINYYKDAASTSSAGQSLSMDPSKFTEPVKDLMLKGAPALN 4
5 'polyribonucleotide' AUUUUUUUUUUUUU A
#
# COMPACT_ATOMS: atom_id res chain seq x y z
N GLU A 1 -4.92 -19.44 -14.59
CA GLU A 1 -5.86 -19.59 -13.48
C GLU A 1 -5.20 -20.40 -12.37
N GLU A 2 -5.85 -20.47 -11.20
CA GLU A 2 -5.42 -21.37 -10.12
C GLU A 2 -6.60 -22.15 -9.54
N VAL A 3 -7.62 -22.43 -10.35
CA VAL A 3 -8.84 -23.08 -9.87
C VAL A 3 -8.64 -24.58 -9.76
N ILE A 4 -8.31 -25.23 -10.87
CA ILE A 4 -8.22 -26.68 -10.93
C ILE A 4 -6.77 -27.09 -11.10
N VAL A 5 -6.38 -28.14 -10.37
CA VAL A 5 -5.04 -28.72 -10.45
C VAL A 5 -5.19 -30.14 -10.97
N GLU A 6 -4.53 -30.45 -12.08
CA GLU A 6 -4.63 -31.74 -12.73
C GLU A 6 -3.58 -32.71 -12.19
N LYS A 7 -3.62 -33.94 -12.71
CA LYS A 7 -2.66 -34.96 -12.29
C LYS A 7 -1.52 -35.10 -13.28
N THR A 8 -1.81 -35.09 -14.59
CA THR A 8 -0.75 -35.30 -15.58
C THR A 8 0.16 -34.08 -15.69
N LYS A 9 -0.37 -32.88 -15.45
CA LYS A 9 0.40 -31.65 -15.44
C LYS A 9 -0.42 -30.61 -14.67
N GLN A 10 0.17 -30.08 -13.61
CA GLN A 10 -0.62 -29.46 -12.56
C GLN A 10 -0.80 -27.96 -12.78
N THR A 11 -1.91 -27.44 -12.23
CA THR A 11 -2.23 -26.00 -12.16
C THR A 11 -2.30 -25.37 -13.55
N VAL A 12 -3.43 -25.66 -14.23
CA VAL A 12 -3.66 -25.10 -15.56
C VAL A 12 -3.69 -23.57 -15.51
N ALA A 13 -3.16 -22.98 -16.58
CA ALA A 13 -3.08 -21.53 -16.73
C ALA A 13 -4.32 -20.97 -17.40
N SER A 14 -4.80 -21.63 -18.44
CA SER A 14 -6.04 -21.30 -19.11
C SER A 14 -6.75 -22.59 -19.45
N ILE A 15 -8.07 -22.62 -19.28
CA ILE A 15 -8.82 -23.80 -19.68
C ILE A 15 -9.24 -23.66 -21.13
N SER A 16 -9.57 -24.80 -21.73
CA SER A 16 -10.06 -24.80 -23.10
C SER A 16 -11.48 -24.27 -23.14
N SER A 17 -11.72 -23.27 -23.98
CA SER A 17 -12.99 -22.59 -24.03
C SER A 17 -13.42 -22.44 -25.48
N GLY A 18 -14.74 -22.40 -25.69
CA GLY A 18 -15.30 -22.32 -27.01
C GLY A 18 -16.20 -21.11 -27.17
N PRO A 19 -17.03 -21.13 -28.21
CA PRO A 19 -17.92 -19.99 -28.46
C PRO A 19 -19.03 -19.90 -27.43
N LYS A 20 -19.42 -18.67 -27.13
CA LYS A 20 -20.48 -18.40 -26.17
C LYS A 20 -21.59 -17.63 -26.87
N HIS A 21 -22.83 -18.10 -26.67
CA HIS A 21 -24.03 -17.30 -26.96
C HIS A 21 -24.93 -17.55 -25.75
N THR A 22 -24.77 -16.72 -24.73
CA THR A 22 -25.35 -17.02 -23.43
C THR A 22 -25.89 -15.75 -22.78
N GLN A 23 -26.80 -15.96 -21.83
CA GLN A 23 -27.40 -14.88 -21.08
C GLN A 23 -26.61 -14.48 -19.85
N LYS A 24 -25.59 -15.26 -19.49
CA LYS A 24 -24.71 -14.88 -18.40
C LYS A 24 -23.45 -14.24 -18.96
N VAL A 25 -23.18 -13.02 -18.52
CA VAL A 25 -22.07 -12.22 -19.06
C VAL A 25 -21.06 -12.01 -17.95
N PRO A 26 -19.92 -12.71 -17.97
CA PRO A 26 -18.94 -12.56 -16.90
C PRO A 26 -18.13 -11.28 -16.98
N ILE A 27 -18.15 -10.60 -18.12
CA ILE A 27 -17.30 -9.44 -18.34
C ILE A 27 -18.01 -8.14 -18.01
N LEU A 28 -19.31 -8.17 -17.77
CA LEU A 28 -20.05 -7.01 -17.31
C LEU A 28 -20.09 -7.06 -15.79
N THR A 29 -19.74 -5.94 -15.16
CA THR A 29 -19.33 -5.89 -13.78
C THR A 29 -19.83 -4.55 -13.24
N ALA A 30 -19.88 -4.38 -11.92
CA ALA A 30 -19.94 -3.06 -11.31
C ALA A 30 -18.74 -2.92 -10.37
N ASN A 31 -17.78 -2.05 -10.72
CA ASN A 31 -16.74 -1.69 -9.76
C ASN A 31 -17.21 -0.66 -8.74
N GLU A 32 -18.46 -0.22 -8.79
CA GLU A 32 -19.01 0.51 -7.66
C GLU A 32 -19.27 -0.38 -6.45
N THR A 33 -19.15 -1.70 -6.60
CA THR A 33 -19.22 -2.61 -5.46
C THR A 33 -17.92 -2.67 -4.69
N GLY A 34 -16.85 -2.08 -5.19
CA GLY A 34 -15.56 -2.15 -4.53
C GLY A 34 -14.84 -3.45 -4.68
N ALA A 35 -15.21 -4.25 -5.67
CA ALA A 35 -14.67 -5.59 -5.85
C ALA A 35 -14.10 -5.76 -7.25
N THR A 36 -13.10 -6.62 -7.36
CA THR A 36 -12.51 -7.03 -8.62
C THR A 36 -13.02 -8.43 -8.95
N MET A 37 -13.80 -8.54 -10.02
CA MET A 37 -14.27 -9.85 -10.45
C MET A 37 -13.13 -10.65 -11.06
N PRO A 38 -13.03 -11.93 -10.76
CA PRO A 38 -11.91 -12.72 -11.30
C PRO A 38 -12.17 -13.18 -12.72
N VAL A 39 -12.15 -12.26 -13.66
CA VAL A 39 -12.44 -12.56 -15.07
C VAL A 39 -11.19 -13.10 -15.73
N LEU A 40 -11.31 -14.28 -16.33
CA LEU A 40 -10.24 -14.97 -17.01
C LEU A 40 -10.27 -14.65 -18.49
N PRO A 41 -9.19 -14.93 -19.24
CA PRO A 41 -9.26 -14.78 -20.71
C PRO A 41 -10.26 -15.71 -21.37
N SER A 42 -10.59 -16.82 -20.75
CA SER A 42 -11.57 -17.75 -21.30
C SER A 42 -13.00 -17.24 -21.22
N ASP A 43 -13.25 -16.13 -20.53
CA ASP A 43 -14.55 -15.49 -20.51
C ASP A 43 -14.76 -14.51 -21.65
N SER A 44 -13.73 -14.22 -22.43
CA SER A 44 -13.82 -13.24 -23.51
C SER A 44 -13.43 -13.81 -24.86
N ILE A 45 -12.39 -14.62 -24.94
CA ILE A 45 -11.89 -15.19 -26.18
C ILE A 45 -12.02 -16.71 -26.09
N GLU A 46 -11.68 -17.37 -27.18
CA GLU A 46 -11.58 -18.83 -27.20
C GLU A 46 -10.15 -19.22 -26.89
N THR A 47 -9.96 -20.03 -25.84
CA THR A 47 -8.64 -20.33 -25.32
C THR A 47 -8.29 -21.80 -25.53
N ARG A 48 -7.04 -22.12 -25.18
CA ARG A 48 -6.50 -23.47 -25.21
C ARG A 48 -5.93 -23.82 -23.84
N THR A 49 -5.84 -25.13 -23.58
CA THR A 49 -5.36 -25.62 -22.29
C THR A 49 -3.86 -25.37 -22.17
N THR A 50 -3.48 -24.43 -21.31
CA THR A 50 -2.09 -24.15 -21.00
C THR A 50 -1.89 -24.28 -19.49
N TYR A 51 -0.66 -24.55 -19.10
CA TYR A 51 -0.33 -24.82 -17.71
C TYR A 51 0.61 -23.75 -17.17
N MET A 52 0.46 -23.43 -15.89
CA MET A 52 1.47 -22.64 -15.20
C MET A 52 2.57 -23.58 -14.75
N HIS A 53 3.78 -23.35 -15.23
CA HIS A 53 4.97 -24.02 -14.75
C HIS A 53 5.69 -23.15 -13.74
N PHE A 54 4.87 -22.51 -12.92
CA PHE A 54 5.23 -21.39 -12.07
C PHE A 54 4.52 -21.55 -10.74
N ASN A 55 5.19 -21.19 -9.66
CA ASN A 55 4.60 -21.31 -8.33
C ASN A 55 4.29 -19.98 -7.67
N GLY A 56 4.93 -18.90 -8.09
CA GLY A 56 4.75 -17.63 -7.43
C GLY A 56 5.55 -17.55 -6.16
N SER A 57 6.81 -17.95 -6.23
CA SER A 57 7.65 -18.12 -5.05
C SER A 57 8.57 -16.94 -4.79
N GLU A 58 9.02 -16.25 -5.85
CA GLU A 58 9.83 -15.05 -5.67
C GLU A 58 9.01 -13.84 -5.24
N THR A 59 7.70 -13.87 -5.45
CA THR A 59 6.82 -12.81 -5.02
C THR A 59 6.25 -13.04 -3.62
N ASP A 60 6.69 -14.11 -2.95
CA ASP A 60 6.43 -14.27 -1.53
C ASP A 60 7.08 -13.14 -0.77
N VAL A 61 6.37 -12.60 0.23
CA VAL A 61 6.89 -11.47 0.99
C VAL A 61 8.06 -11.84 1.89
N GLU A 62 8.25 -13.13 2.16
CA GLU A 62 9.49 -13.58 2.78
C GLU A 62 10.67 -13.38 1.85
N CYS A 63 10.50 -13.70 0.56
CA CYS A 63 11.54 -13.46 -0.43
C CYS A 63 11.63 -11.99 -0.82
N PHE A 64 10.50 -11.30 -0.92
CA PHE A 64 10.47 -9.91 -1.36
C PHE A 64 11.18 -8.97 -0.40
N LEU A 65 11.03 -9.19 0.90
CA LEU A 65 11.66 -8.34 1.90
C LEU A 65 12.90 -9.00 2.51
N GLY A 66 13.27 -10.18 2.02
CA GLY A 66 14.29 -10.97 2.67
C GLY A 66 15.63 -11.07 1.98
N ARG A 67 16.11 -9.95 1.45
CA ARG A 67 17.49 -9.87 0.97
C ARG A 67 18.15 -8.67 1.65
N ALA A 68 19.47 -8.74 1.77
CA ALA A 68 20.23 -7.75 2.51
C ALA A 68 20.27 -6.43 1.75
N ALA A 69 19.98 -5.34 2.45
CA ALA A 69 19.97 -4.00 1.88
C ALA A 69 20.69 -3.05 2.83
N CYS A 70 21.37 -2.06 2.26
CA CYS A 70 22.20 -1.14 3.05
C CYS A 70 21.29 -0.13 3.75
N VAL A 71 21.23 -0.18 5.07
CA VAL A 71 20.35 0.73 5.79
C VAL A 71 21.06 1.93 6.40
N HIS A 72 22.38 1.88 6.54
CA HIS A 72 23.10 3.00 7.11
C HIS A 72 24.55 2.96 6.65
N VAL A 73 25.09 4.14 6.34
CA VAL A 73 26.50 4.32 6.10
C VAL A 73 27.00 5.40 7.06
N THR A 74 27.85 5.01 8.00
CA THR A 74 28.44 5.94 8.95
C THR A 74 29.95 5.85 8.85
N GLU A 75 30.63 6.77 9.51
CA GLU A 75 32.08 6.90 9.39
C GLU A 75 32.70 7.19 10.75
N ILE A 76 33.79 6.48 11.07
CA ILE A 76 34.60 6.75 12.23
C ILE A 76 36.07 6.76 11.82
N GLN A 77 36.93 7.35 12.63
CA GLN A 77 38.35 7.27 12.36
C GLN A 77 39.15 7.00 13.62
N ASN A 78 40.42 6.66 13.41
CA ASN A 78 41.34 6.23 14.46
C ASN A 78 42.49 7.23 14.48
N LYS A 79 42.29 8.32 15.21
CA LYS A 79 43.25 9.40 15.32
C LYS A 79 43.53 9.66 16.80
N ASP A 80 44.47 10.57 17.05
CA ASP A 80 44.85 10.93 18.41
C ASP A 80 43.72 11.71 19.07
N ALA A 81 43.27 11.21 20.22
CA ALA A 81 42.14 11.81 20.94
C ALA A 81 42.58 12.83 21.99
N THR A 82 43.88 13.02 22.18
CA THR A 82 44.37 13.99 23.14
C THR A 82 44.15 15.39 22.61
N GLY A 83 43.40 16.21 23.36
CA GLY A 83 43.07 17.56 22.94
C GLY A 83 41.73 17.71 22.26
N ILE A 84 40.93 16.65 22.19
CA ILE A 84 39.61 16.70 21.56
C ILE A 84 38.55 16.70 22.66
N ASP A 85 37.65 17.68 22.60
CA ASP A 85 36.59 17.79 23.60
C ASP A 85 35.42 16.86 23.27
N ASN A 86 34.89 16.95 22.06
CA ASN A 86 33.74 16.15 21.65
C ASN A 86 34.23 15.01 20.77
N HIS A 87 34.13 13.78 21.29
CA HIS A 87 34.57 12.62 20.53
C HIS A 87 33.57 12.24 19.44
N ARG A 88 32.29 12.56 19.65
CA ARG A 88 31.28 12.26 18.64
C ARG A 88 31.42 13.18 17.44
N GLU A 89 31.70 14.47 17.68
CA GLU A 89 31.84 15.42 16.58
C GLU A 89 33.12 15.18 15.80
N ALA A 90 34.18 14.71 16.47
CA ALA A 90 35.42 14.33 15.80
C ALA A 90 35.34 12.95 15.17
N LYS A 91 34.20 12.26 15.35
CA LYS A 91 33.92 10.93 14.81
C LYS A 91 34.94 9.90 15.27
N LEU A 92 35.43 10.04 16.49
CA LEU A 92 36.18 8.95 17.11
C LEU A 92 35.27 7.77 17.41
N PHE A 93 34.01 8.05 17.72
CA PHE A 93 32.95 7.05 17.77
C PHE A 93 31.74 7.67 17.11
N ASN A 94 30.82 6.82 16.67
CA ASN A 94 29.58 7.30 16.07
C ASN A 94 28.50 6.26 16.31
N ASP A 95 27.32 6.71 16.67
CA ASP A 95 26.18 5.85 16.93
C ASP A 95 25.08 6.09 15.91
N TRP A 96 24.17 5.14 15.82
CA TRP A 96 23.10 5.20 14.83
C TRP A 96 21.84 4.63 15.44
N LYS A 97 20.77 5.41 15.43
CA LYS A 97 19.45 4.91 15.82
C LYS A 97 18.90 4.01 14.72
N ILE A 98 18.64 2.75 15.07
CA ILE A 98 18.35 1.73 14.06
C ILE A 98 16.99 1.99 13.45
N ASN A 99 16.96 2.17 12.15
CA ASN A 99 15.73 2.29 11.38
C ASN A 99 16.00 1.75 10.00
N LEU A 100 14.93 1.39 9.30
CA LEU A 100 15.02 0.87 7.94
C LEU A 100 14.45 1.83 6.92
N SER A 101 14.37 3.11 7.27
CA SER A 101 13.70 4.11 6.45
C SER A 101 14.63 5.24 6.01
N SER A 102 15.93 4.98 5.98
CA SER A 102 16.91 5.98 5.53
C SER A 102 17.36 5.75 4.09
N LEU A 103 17.56 4.50 3.68
CA LEU A 103 17.65 4.15 2.27
C LEU A 103 16.23 4.03 1.75
N VAL A 104 15.90 4.79 0.71
CA VAL A 104 14.52 4.82 0.25
C VAL A 104 14.12 3.56 -0.49
N GLN A 105 15.08 2.81 -1.04
CA GLN A 105 14.76 1.60 -1.81
C GLN A 105 14.19 0.49 -0.94
N LEU A 106 14.78 0.23 0.22
CA LEU A 106 14.16 -0.69 1.16
C LEU A 106 12.89 -0.11 1.78
N ARG A 107 12.86 1.21 1.95
CA ARG A 107 11.74 1.87 2.60
C ARG A 107 10.47 1.75 1.78
N LYS A 108 10.58 1.85 0.45
CA LYS A 108 9.41 1.68 -0.41
C LYS A 108 8.91 0.24 -0.39
N LYS A 109 9.82 -0.74 -0.33
CA LYS A 109 9.40 -2.14 -0.24
C LYS A 109 8.73 -2.43 1.09
N LEU A 110 9.19 -1.76 2.15
CA LEU A 110 8.57 -1.93 3.45
C LEU A 110 7.21 -1.25 3.51
N GLU A 111 7.10 -0.03 2.98
CA GLU A 111 5.90 0.76 3.07
C GLU A 111 4.88 0.44 1.98
N LEU A 112 4.99 -0.73 1.35
CA LEU A 112 3.85 -1.29 0.64
C LEU A 112 2.84 -1.89 1.61
N PHE A 113 3.20 -2.03 2.88
CA PHE A 113 2.36 -2.60 3.92
C PHE A 113 2.30 -1.64 5.10
N THR A 114 1.30 -1.82 5.95
CA THR A 114 1.19 -0.97 7.13
C THR A 114 1.95 -1.55 8.32
N TYR A 115 1.75 -2.83 8.61
CA TYR A 115 2.41 -3.50 9.71
C TYR A 115 3.29 -4.62 9.19
N VAL A 116 4.53 -4.68 9.67
CA VAL A 116 5.46 -5.75 9.36
C VAL A 116 6.07 -6.27 10.66
N ARG A 117 6.22 -7.58 10.75
CA ARG A 117 6.90 -8.21 11.88
C ARG A 117 7.88 -9.22 11.33
N PHE A 118 9.14 -9.10 11.75
CA PHE A 118 10.19 -9.99 11.26
C PHE A 118 11.34 -10.01 12.25
N ASP A 119 12.12 -11.08 12.20
CA ASP A 119 13.43 -11.10 12.84
C ASP A 119 14.43 -10.43 11.91
N SER A 120 15.41 -9.75 12.50
CA SER A 120 16.37 -8.95 11.76
C SER A 120 17.70 -9.70 11.67
N GLU A 121 18.35 -9.60 10.52
CA GLU A 121 19.69 -10.12 10.32
C GLU A 121 20.58 -8.96 9.89
N TYR A 122 21.55 -8.61 10.72
CA TYR A 122 22.43 -7.50 10.44
C TYR A 122 23.78 -7.99 9.95
N THR A 123 24.31 -7.31 8.94
CA THR A 123 25.66 -7.54 8.45
C THR A 123 26.34 -6.19 8.37
N ILE A 124 27.45 -6.03 9.08
CA ILE A 124 28.15 -4.76 9.17
C ILE A 124 29.49 -4.90 8.48
N LEU A 125 29.74 -4.06 7.48
CA LEU A 125 30.98 -4.09 6.72
C LEU A 125 31.77 -2.82 7.02
N ALA A 126 33.06 -2.98 7.29
CA ALA A 126 33.93 -1.86 7.62
C ALA A 126 35.11 -1.85 6.66
N THR A 127 35.30 -0.72 5.98
CA THR A 127 36.40 -0.55 5.04
C THR A 127 37.18 0.69 5.45
N ALA A 128 38.52 0.60 5.41
CA ALA A 128 39.34 1.73 5.81
C ALA A 128 39.89 2.47 4.61
N SER A 129 40.43 3.65 4.88
CA SER A 129 41.14 4.45 3.90
C SER A 129 42.07 5.40 4.62
N GLN A 130 43.22 5.68 4.02
CA GLN A 130 44.12 6.70 4.52
C GLN A 130 44.27 7.78 3.46
N PRO A 131 43.46 8.84 3.51
CA PRO A 131 43.61 9.91 2.51
C PRO A 131 44.85 10.76 2.67
N ASP A 132 45.41 10.83 3.88
CA ASP A 132 46.65 11.57 4.10
C ASP A 132 47.82 10.60 3.98
N SER A 133 49.04 11.14 4.05
CA SER A 133 50.25 10.34 3.85
C SER A 133 50.45 9.37 5.01
N ALA A 134 50.68 8.11 4.68
CA ALA A 134 50.83 7.05 5.67
C ALA A 134 51.87 6.07 5.18
N ASN A 135 52.54 5.42 6.13
CA ASN A 135 53.58 4.45 5.81
C ASN A 135 53.05 3.04 5.68
N TYR A 136 51.87 2.76 6.22
CA TYR A 136 51.32 1.42 6.25
C TYR A 136 49.82 1.53 6.39
N SER A 137 49.15 0.39 6.24
CA SER A 137 47.71 0.28 6.46
C SER A 137 47.50 -0.34 7.83
N SER A 138 46.73 0.33 8.68
CA SER A 138 46.55 -0.12 10.05
C SER A 138 45.67 -1.36 10.11
N ASN A 139 45.98 -2.24 11.05
CA ASN A 139 45.22 -3.47 11.28
C ASN A 139 44.22 -3.16 12.39
N LEU A 140 43.03 -2.71 12.01
CA LEU A 140 42.08 -2.13 12.94
C LEU A 140 40.95 -3.09 13.27
N VAL A 141 40.40 -2.93 14.46
CA VAL A 141 39.27 -3.72 14.95
C VAL A 141 38.16 -2.77 15.32
N VAL A 142 36.95 -3.04 14.82
CA VAL A 142 35.77 -2.24 15.09
C VAL A 142 34.90 -2.93 16.12
N GLN A 143 34.47 -2.16 17.12
CA GLN A 143 33.42 -2.58 18.04
C GLN A 143 32.11 -1.94 17.61
N ALA A 144 31.09 -2.77 17.41
CA ALA A 144 29.72 -2.33 17.21
C ALA A 144 28.93 -2.80 18.43
N MET A 145 28.48 -1.85 19.25
CA MET A 145 27.77 -2.17 20.47
C MET A 145 26.28 -1.85 20.29
N TYR A 146 25.43 -2.85 20.50
CA TYR A 146 23.99 -2.63 20.39
C TYR A 146 23.47 -2.02 21.68
N VAL A 147 23.03 -0.78 21.61
CA VAL A 147 22.66 0.02 22.77
C VAL A 147 21.14 0.11 22.83
N PRO A 148 20.49 -0.55 23.78
CA PRO A 148 19.03 -0.45 23.91
C PRO A 148 18.63 0.91 24.45
N PRO A 149 17.35 1.31 24.32
CA PRO A 149 16.90 2.56 24.94
C PRO A 149 16.93 2.48 26.46
N GLY A 150 17.42 3.54 27.09
CA GLY A 150 17.61 3.58 28.53
C GLY A 150 19.01 3.21 28.97
N ALA A 151 19.81 2.62 28.10
CA ALA A 151 21.19 2.30 28.40
C ALA A 151 22.04 3.58 28.40
N PRO A 152 23.16 3.59 29.13
CA PRO A 152 24.05 4.76 29.09
C PRO A 152 24.69 4.94 27.72
N ASN A 153 24.66 6.17 27.22
CA ASN A 153 25.26 6.45 25.93
C ASN A 153 26.74 6.77 26.08
N PRO A 154 27.56 6.37 25.12
CA PRO A 154 28.99 6.68 25.19
C PRO A 154 29.25 8.16 24.95
N LYS A 155 30.14 8.72 25.76
CA LYS A 155 30.61 10.09 25.60
C LYS A 155 31.95 10.17 24.91
N GLU A 156 32.83 9.21 25.16
CA GLU A 156 34.14 9.15 24.54
C GLU A 156 34.35 7.77 23.95
N TRP A 157 35.40 7.63 23.14
CA TRP A 157 35.72 6.34 22.55
C TRP A 157 36.29 5.37 23.58
N ASP A 158 36.93 5.88 24.62
CA ASP A 158 37.53 5.06 25.68
C ASP A 158 36.69 5.11 26.95
N ASP A 159 35.41 5.42 26.79
CA ASP A 159 34.51 5.63 27.91
C ASP A 159 34.09 4.28 28.49
N TYR A 160 33.58 4.30 29.72
CA TYR A 160 33.27 3.08 30.46
C TYR A 160 32.11 2.28 29.88
N THR A 161 31.29 2.88 29.02
CA THR A 161 30.14 2.15 28.49
C THR A 161 30.51 1.11 27.46
N TRP A 162 31.71 1.17 26.90
CA TRP A 162 32.11 0.23 25.85
C TRP A 162 32.42 -1.17 26.38
N GLN A 163 32.51 -1.34 27.70
CA GLN A 163 32.82 -2.66 28.25
C GLN A 163 31.69 -3.65 28.09
N SER A 164 30.44 -3.17 28.15
CA SER A 164 29.23 -3.88 27.69
C SER A 164 29.03 -5.22 28.41
N ALA A 165 28.81 -5.13 29.72
CA ALA A 165 28.50 -6.33 30.49
C ALA A 165 27.10 -6.84 30.21
N SER A 166 26.18 -5.97 29.78
CA SER A 166 24.82 -6.39 29.48
C SER A 166 24.48 -6.14 28.01
N ASN A 167 24.97 -5.03 27.45
CA ASN A 167 24.70 -4.71 26.06
C ASN A 167 25.45 -5.68 25.14
N PRO A 168 24.79 -6.22 24.11
CA PRO A 168 25.51 -7.08 23.16
C PRO A 168 26.40 -6.27 22.23
N SER A 169 27.63 -6.72 22.05
CA SER A 169 28.58 -6.08 21.18
C SER A 169 29.32 -7.12 20.36
N VAL A 170 29.85 -6.70 19.22
CA VAL A 170 30.61 -7.57 18.33
C VAL A 170 31.93 -6.87 18.01
N PHE A 171 33.01 -7.64 17.95
CA PHE A 171 34.34 -7.15 17.64
C PHE A 171 34.82 -7.86 16.39
N PHE A 172 35.05 -7.10 15.33
CA PHE A 172 35.47 -7.66 14.05
C PHE A 172 36.53 -6.78 13.42
N LYS A 173 37.19 -7.31 12.41
CA LYS A 173 38.30 -6.66 11.74
C LYS A 173 37.80 -5.81 10.56
N VAL A 174 38.55 -4.75 10.28
CA VAL A 174 38.22 -3.87 9.15
C VAL A 174 38.56 -4.59 7.84
N GLY A 175 37.61 -4.65 6.93
CA GLY A 175 37.78 -5.36 5.69
C GLY A 175 36.95 -6.61 5.72
N ASP A 176 36.54 -6.98 6.93
CA ASP A 176 35.70 -8.14 7.14
C ASP A 176 34.27 -7.70 7.44
N THR A 177 33.39 -8.67 7.63
CA THR A 177 32.02 -8.40 8.03
C THR A 177 31.75 -9.07 9.37
N SER A 178 30.75 -8.54 10.06
CA SER A 178 30.18 -9.20 11.23
C SER A 178 28.71 -9.43 10.96
N ARG A 179 28.25 -10.67 11.12
CA ARG A 179 26.86 -11.01 10.89
C ARG A 179 26.24 -11.54 12.17
N PHE A 180 25.12 -10.95 12.56
CA PHE A 180 24.39 -11.41 13.74
C PHE A 180 22.90 -11.24 13.51
N SER A 181 22.12 -12.00 14.28
CA SER A 181 20.67 -12.01 14.20
C SER A 181 20.09 -11.29 15.39
N VAL A 182 19.08 -10.47 15.15
CA VAL A 182 18.34 -9.77 16.21
C VAL A 182 16.87 -10.14 16.06
N PRO A 183 16.19 -10.59 17.12
CA PRO A 183 14.77 -10.95 16.99
C PRO A 183 13.84 -9.77 16.77
N TYR A 184 12.55 -10.04 16.69
CA TYR A 184 11.56 -8.97 16.57
C TYR A 184 11.45 -8.26 17.91
N VAL A 185 11.78 -6.97 17.94
CA VAL A 185 11.92 -6.26 19.21
C VAL A 185 10.90 -5.15 19.34
N GLY A 186 9.82 -5.23 18.58
CA GLY A 186 8.74 -4.28 18.75
C GLY A 186 8.00 -4.49 20.06
N LEU A 187 7.51 -3.38 20.61
CA LEU A 187 6.67 -3.46 21.81
C LEU A 187 5.31 -4.04 21.51
N ALA A 188 4.79 -3.81 20.30
CA ALA A 188 3.50 -4.33 19.87
C ALA A 188 3.72 -5.61 19.07
N SER A 189 2.65 -6.16 18.50
CA SER A 189 2.75 -7.42 17.77
C SER A 189 3.32 -7.26 16.38
N ALA A 190 3.45 -6.04 15.88
CA ALA A 190 4.08 -5.77 14.59
C ALA A 190 4.69 -4.39 14.67
N TYR A 191 5.63 -4.11 13.78
CA TYR A 191 6.14 -2.75 13.65
C TYR A 191 5.10 -1.89 12.96
N ASN A 192 5.24 -0.58 13.08
CA ASN A 192 4.36 0.35 12.39
C ASN A 192 5.16 1.07 11.31
N CYS A 193 4.89 0.74 10.05
CA CYS A 193 5.43 1.56 8.98
C CYS A 193 4.76 2.93 8.96
N PHE A 194 3.51 3.00 9.36
CA PHE A 194 2.75 4.25 9.40
C PHE A 194 2.04 4.34 10.74
N TYR A 195 1.97 5.54 11.30
CA TYR A 195 1.33 5.78 12.58
C TYR A 195 0.55 7.08 12.49
N ASP A 196 -0.78 6.98 12.39
CA ASP A 196 -1.65 8.14 12.45
C ASP A 196 -1.95 8.48 13.92
N GLY A 197 -0.94 9.01 14.59
CA GLY A 197 -1.10 9.31 15.99
C GLY A 197 0.07 10.06 16.56
N TYR A 198 0.04 10.22 17.88
CA TYR A 198 1.00 10.99 18.65
C TYR A 198 1.41 10.15 19.86
N SER A 199 2.46 10.59 20.56
CA SER A 199 2.86 9.91 21.77
C SER A 199 1.87 10.15 22.90
N HIS A 200 1.27 11.34 22.94
CA HIS A 200 0.26 11.68 23.93
C HIS A 200 -0.54 12.86 23.40
N ASP A 201 -1.63 13.18 24.12
CA ASP A 201 -2.50 14.30 23.75
C ASP A 201 -1.81 15.60 24.13
N ASP A 202 -1.06 16.13 23.17
CA ASP A 202 -0.36 17.39 23.35
C ASP A 202 -0.44 18.17 22.04
N ALA A 203 -0.45 19.49 22.16
CA ALA A 203 -0.58 20.34 20.98
C ALA A 203 0.73 20.55 20.25
N GLU A 204 1.87 20.23 20.88
CA GLU A 204 3.16 20.46 20.27
C GLU A 204 3.99 19.19 20.13
N THR A 205 3.41 18.02 20.40
CA THR A 205 4.16 16.78 20.23
C THR A 205 4.25 16.42 18.75
N GLN A 206 5.14 15.48 18.44
CA GLN A 206 5.45 15.12 17.07
C GLN A 206 4.45 14.12 16.51
N TYR A 207 4.16 14.25 15.23
CA TYR A 207 3.22 13.41 14.52
C TYR A 207 3.97 12.29 13.80
N GLY A 208 3.41 11.09 13.84
CA GLY A 208 3.88 10.02 12.98
C GLY A 208 5.04 9.23 13.54
N ILE A 209 6.09 9.90 14.01
CA ILE A 209 7.25 9.20 14.56
C ILE A 209 6.87 8.60 15.92
N THR A 210 7.27 7.35 16.13
CA THR A 210 6.80 6.60 17.27
C THR A 210 7.83 5.56 17.67
N VAL A 211 7.67 5.04 18.88
CA VAL A 211 8.50 3.94 19.36
C VAL A 211 7.90 2.59 19.00
N LEU A 212 6.84 2.57 18.21
CA LEU A 212 6.30 1.30 17.73
C LEU A 212 7.21 0.68 16.67
N ASN A 213 7.80 1.49 15.79
CA ASN A 213 8.89 1.01 14.95
C ASN A 213 10.24 1.43 15.51
N HIS A 214 10.49 1.05 16.76
CA HIS A 214 11.77 1.28 17.41
C HIS A 214 12.51 -0.04 17.43
N MET A 215 13.74 -0.04 16.93
CA MET A 215 14.51 -1.25 16.76
C MET A 215 15.83 -1.23 17.50
N GLY A 216 16.02 -0.30 18.42
CA GLY A 216 17.26 -0.19 19.15
C GLY A 216 18.20 0.80 18.50
N SER A 217 19.46 0.77 18.90
CA SER A 217 20.49 1.60 18.29
C SER A 217 21.83 0.90 18.50
N MET A 218 22.72 1.03 17.52
CA MET A 218 24.05 0.49 17.67
C MET A 218 25.10 1.58 17.51
N ALA A 219 26.12 1.53 18.37
CA ALA A 219 27.19 2.51 18.44
C ALA A 219 28.49 1.87 17.98
N PHE A 220 29.28 2.63 17.23
CA PHE A 220 30.49 2.13 16.59
C PHE A 220 31.72 2.85 17.14
N ARG A 221 32.84 2.14 17.15
CA ARG A 221 34.14 2.71 17.51
C ARG A 221 35.23 1.82 16.96
N ILE A 222 36.46 2.30 17.04
CA ILE A 222 37.65 1.51 16.74
C ILE A 222 38.36 1.24 18.05
N VAL A 223 38.56 -0.05 18.36
CA VAL A 223 39.16 -0.46 19.62
C VAL A 223 40.64 -0.09 19.68
N ASN A 224 41.30 0.00 18.53
CA ASN A 224 42.73 0.27 18.47
C ASN A 224 43.04 1.70 18.91
N GLU A 225 44.30 1.92 19.28
CA GLU A 225 44.77 3.25 19.62
C GLU A 225 45.20 3.99 18.36
N HIS A 226 45.75 5.17 18.54
CA HIS A 226 46.12 6.00 17.41
C HIS A 226 47.51 5.63 16.89
N ASP A 227 47.68 5.80 15.58
CA ASP A 227 48.97 5.65 14.93
C ASP A 227 49.54 7.03 14.62
N GLU A 228 50.62 7.06 13.86
CA GLU A 228 51.18 8.32 13.40
C GLU A 228 50.28 9.02 12.39
N HIS A 229 49.48 8.27 11.66
CA HIS A 229 48.62 8.82 10.63
C HIS A 229 47.16 8.78 11.07
N LYS A 230 46.29 9.27 10.20
CA LYS A 230 44.85 9.26 10.39
C LYS A 230 44.23 8.32 9.37
N THR A 231 43.40 7.39 9.83
CA THR A 231 42.74 6.42 8.96
C THR A 231 41.24 6.46 9.16
N LEU A 232 40.50 6.67 8.06
CA LEU A 232 39.05 6.81 8.10
C LEU A 232 38.40 5.46 7.83
N VAL A 233 37.53 5.02 8.73
CA VAL A 233 36.84 3.74 8.57
C VAL A 233 35.38 4.02 8.26
N LYS A 234 34.93 3.55 7.11
CA LYS A 234 33.54 3.70 6.69
C LYS A 234 32.79 2.42 7.03
N ILE A 235 31.62 2.57 7.65
CA ILE A 235 30.87 1.44 8.17
C ILE A 235 29.52 1.42 7.46
N ARG A 236 29.21 0.29 6.81
CA ARG A 236 27.95 0.11 6.12
C ARG A 236 27.19 -1.02 6.79
N VAL A 237 25.96 -0.75 7.20
CA VAL A 237 25.11 -1.73 7.87
C VAL A 237 24.12 -2.28 6.86
N TYR A 238 24.03 -3.61 6.80
CA TYR A 238 23.12 -4.30 5.90
C TYR A 238 22.09 -5.07 6.69
N HIS A 239 20.81 -4.88 6.35
CA HIS A 239 19.71 -5.53 7.04
C HIS A 239 19.03 -6.51 6.11
N ARG A 240 18.83 -7.73 6.59
CA ARG A 240 18.00 -8.72 5.91
C ARG A 240 16.87 -9.11 6.86
N ALA A 241 15.64 -8.99 6.38
CA ALA A 241 14.49 -9.43 7.16
C ALA A 241 14.27 -10.92 6.94
N LYS A 242 13.76 -11.59 7.97
CA LYS A 242 13.39 -12.99 7.83
C LYS A 242 12.24 -13.29 8.78
N HIS A 243 11.55 -14.40 8.49
CA HIS A 243 10.30 -14.80 9.15
C HIS A 243 9.27 -13.67 9.07
N VAL A 244 9.16 -13.13 7.87
CA VAL A 244 8.41 -11.89 7.64
C VAL A 244 6.92 -12.18 7.62
N GLU A 245 6.16 -11.37 8.34
CA GLU A 245 4.72 -11.29 8.21
C GLU A 245 4.36 -9.83 7.92
N ALA A 246 3.38 -9.62 7.05
CA ALA A 246 3.02 -8.28 6.62
C ALA A 246 1.51 -8.16 6.50
N TRP A 247 1.01 -6.94 6.69
CA TRP A 247 -0.42 -6.68 6.76
C TRP A 247 -0.75 -5.38 6.03
N ILE A 248 -2.01 -5.29 5.56
CA ILE A 248 -2.64 -4.10 5.01
C ILE A 248 -1.84 -3.50 3.85
N PRO A 249 -1.96 -4.06 2.63
CA PRO A 249 -1.23 -3.50 1.49
C PRO A 249 -1.68 -2.07 1.17
N ARG A 250 -0.69 -1.19 1.01
CA ARG A 250 -0.92 0.22 0.83
C ARG A 250 -0.59 0.63 -0.60
N ALA A 251 -0.98 1.85 -0.94
CA ALA A 251 -0.60 2.43 -2.21
C ALA A 251 0.91 2.69 -2.23
N PRO A 252 1.59 2.39 -3.33
CA PRO A 252 3.03 2.68 -3.41
C PRO A 252 3.29 4.17 -3.45
N ARG A 253 4.41 4.57 -2.84
CA ARG A 253 4.79 5.96 -2.86
C ARG A 253 5.56 6.31 -4.12
N ALA A 254 5.19 7.40 -4.75
CA ALA A 254 5.90 7.85 -5.94
C ALA A 254 6.65 9.16 -5.70
N LEU A 255 6.14 10.01 -4.82
CA LEU A 255 6.90 11.21 -4.52
C LEU A 255 8.07 10.88 -3.59
N PRO A 256 9.16 11.62 -3.67
CA PRO A 256 10.33 11.31 -2.84
C PRO A 256 10.10 11.64 -1.37
N TYR A 257 10.77 10.87 -0.52
CA TYR A 257 10.77 11.05 0.91
C TYR A 257 11.64 12.25 1.29
N THR A 258 11.40 12.80 2.47
CA THR A 258 12.23 13.89 2.96
C THR A 258 12.79 13.63 4.35
N SER A 259 12.13 12.77 5.12
CA SER A 259 12.51 12.56 6.51
C SER A 259 12.35 11.09 6.86
N ILE A 260 12.60 10.78 8.12
CA ILE A 260 12.49 9.43 8.65
C ILE A 260 11.21 9.38 9.50
N GLY A 261 10.30 8.47 9.15
CA GLY A 261 9.08 8.29 9.88
C GLY A 261 7.96 9.23 9.48
N ARG A 262 8.28 10.26 8.71
CA ARG A 262 7.27 11.15 8.18
C ARG A 262 6.91 10.75 6.75
N THR A 263 5.70 11.09 6.35
CA THR A 263 5.23 10.85 4.99
C THR A 263 5.38 12.09 4.12
N ASN A 264 6.21 13.05 4.56
CA ASN A 264 6.32 14.34 3.92
C ASN A 264 7.01 14.22 2.56
N TYR A 265 6.66 15.11 1.65
CA TYR A 265 7.26 15.13 0.32
C TYR A 265 7.62 16.58 -0.01
N PRO A 266 8.63 16.81 -0.86
CA PRO A 266 9.10 18.19 -1.06
C PRO A 266 8.10 19.07 -1.79
N LYS A 267 8.11 20.34 -1.45
CA LYS A 267 7.35 21.33 -2.18
C LYS A 267 7.98 21.56 -3.56
N ASN A 268 7.13 21.92 -4.52
CA ASN A 268 7.52 22.16 -5.92
C ASN A 268 8.20 20.95 -6.53
N THR A 269 7.68 19.77 -6.23
CA THR A 269 8.24 18.55 -6.77
C THR A 269 7.77 18.34 -8.21
N GLU A 270 8.52 17.53 -8.94
CA GLU A 270 8.24 17.31 -10.35
C GLU A 270 7.04 16.36 -10.50
N PRO A 271 6.34 16.43 -11.63
CA PRO A 271 5.28 15.45 -11.89
C PRO A 271 5.86 14.05 -12.06
N VAL A 272 5.16 13.07 -11.49
CA VAL A 272 5.64 11.69 -11.54
C VAL A 272 4.92 10.88 -12.62
N ILE A 273 3.74 11.29 -13.04
CA ILE A 273 3.07 10.67 -14.19
C ILE A 273 3.73 11.21 -15.44
N LYS A 274 4.10 10.33 -16.35
CA LYS A 274 4.77 10.74 -17.58
C LYS A 274 3.75 11.37 -18.52
N LYS A 275 4.05 12.57 -18.98
CA LYS A 275 3.18 13.24 -19.94
C LYS A 275 3.34 12.57 -21.30
N ARG A 276 2.22 12.39 -22.00
CA ARG A 276 2.24 11.79 -23.32
C ARG A 276 2.91 12.72 -24.32
N LYS A 277 3.74 12.14 -25.20
CA LYS A 277 4.31 12.88 -26.32
C LYS A 277 3.35 12.85 -27.50
N GLY A 278 2.24 13.54 -27.32
CA GLY A 278 1.16 13.54 -28.27
C GLY A 278 -0.16 13.73 -27.54
N ASP A 279 -1.20 13.12 -28.09
CA ASP A 279 -2.53 13.18 -27.49
C ASP A 279 -2.85 11.85 -26.82
N ILE A 280 -4.10 11.69 -26.39
CA ILE A 280 -4.50 10.51 -25.62
C ILE A 280 -4.63 9.29 -26.52
N LYS A 281 -4.93 9.48 -27.80
CA LYS A 281 -5.15 8.37 -28.73
C LYS A 281 -3.85 7.85 -29.34
N SER A 282 -2.71 8.24 -28.79
CA SER A 282 -1.41 7.94 -29.39
C SER A 282 -0.77 6.77 -28.66
N TYR A 283 -0.26 5.82 -29.43
CA TYR A 283 0.33 4.60 -28.88
C TYR A 283 1.77 4.82 -28.47
N CYS B 1 -37.06 -16.20 -2.87
CA CYS B 1 -36.15 -15.08 -2.97
C CYS B 1 -36.85 -13.84 -3.52
N GLY B 2 -36.37 -13.32 -4.65
CA GLY B 2 -36.92 -12.14 -5.24
C GLY B 2 -36.46 -10.83 -4.64
N TYR B 3 -35.46 -10.86 -3.75
CA TYR B 3 -34.95 -9.66 -3.13
C TYR B 3 -33.98 -8.94 -4.08
N SER B 4 -33.27 -7.96 -3.54
CA SER B 4 -32.34 -7.16 -4.33
C SER B 4 -31.01 -7.05 -3.60
N ASP B 5 -29.96 -6.91 -4.38
CA ASP B 5 -28.70 -6.39 -3.88
C ASP B 5 -28.74 -4.87 -3.70
N ARG B 6 -29.73 -4.21 -4.30
CA ARG B 6 -29.85 -2.76 -4.21
C ARG B 6 -30.53 -2.29 -2.94
N VAL B 7 -31.55 -3.03 -2.48
CA VAL B 7 -32.36 -2.64 -1.34
C VAL B 7 -31.76 -3.26 -0.10
N GLN B 8 -31.18 -2.44 0.77
CA GLN B 8 -30.49 -2.91 1.96
C GLN B 8 -31.05 -2.19 3.17
N GLN B 9 -30.91 -2.82 4.33
CA GLN B 9 -31.25 -2.22 5.61
C GLN B 9 -30.16 -2.56 6.60
N ILE B 10 -29.64 -1.55 7.30
CA ILE B 10 -28.72 -1.74 8.41
C ILE B 10 -29.39 -1.18 9.65
N THR B 11 -29.51 -2.01 10.68
CA THR B 11 -30.12 -1.63 11.96
C THR B 11 -29.09 -1.83 13.06
N LEU B 12 -28.84 -0.76 13.82
CA LEU B 12 -27.86 -0.80 14.89
C LEU B 12 -28.36 0.09 16.03
N GLY B 13 -28.81 -0.54 17.12
CA GLY B 13 -29.34 0.23 18.23
C GLY B 13 -30.76 0.67 17.96
N ASN B 14 -31.05 1.93 18.28
CA ASN B 14 -32.33 2.54 17.92
C ASN B 14 -32.25 3.32 16.62
N SER B 15 -31.33 2.95 15.74
CA SER B 15 -31.12 3.63 14.47
C SER B 15 -31.19 2.63 13.33
N THR B 16 -31.78 3.06 12.22
CA THR B 16 -31.98 2.23 11.05
C THR B 16 -31.73 3.07 9.80
N ILE B 17 -30.93 2.54 8.88
CA ILE B 17 -30.68 3.18 7.60
C ILE B 17 -31.18 2.26 6.50
N THR B 18 -32.04 2.81 5.64
CA THR B 18 -32.47 2.11 4.43
C THR B 18 -31.81 2.73 3.21
N THR B 19 -31.58 1.90 2.21
CA THR B 19 -31.13 2.34 0.91
C THR B 19 -31.78 1.48 -0.16
N GLN B 20 -31.98 2.06 -1.34
CA GLN B 20 -32.66 1.37 -2.42
C GLN B 20 -31.87 1.36 -3.72
N GLU B 21 -30.78 2.12 -3.81
CA GLU B 21 -29.87 2.05 -4.94
C GLU B 21 -28.45 1.83 -4.45
N ALA B 22 -28.27 0.86 -3.55
CA ALA B 22 -26.94 0.51 -3.09
C ALA B 22 -26.21 -0.32 -4.15
N ALA B 23 -24.94 -0.57 -3.91
CA ALA B 23 -24.14 -1.41 -4.77
C ALA B 23 -23.83 -2.74 -4.10
N ASN B 24 -23.18 -2.70 -2.94
CA ASN B 24 -23.00 -3.84 -2.07
C ASN B 24 -22.72 -3.26 -0.69
N ALA B 25 -22.19 -4.08 0.21
CA ALA B 25 -21.48 -3.58 1.37
C ALA B 25 -20.06 -4.07 1.20
N VAL B 26 -19.09 -3.25 1.59
CA VAL B 26 -17.71 -3.71 1.63
C VAL B 26 -17.36 -4.05 3.08
N VAL B 27 -16.92 -5.28 3.30
CA VAL B 27 -16.41 -5.71 4.59
C VAL B 27 -14.90 -5.73 4.49
N CYS B 28 -14.23 -4.92 5.31
CA CYS B 28 -12.81 -4.61 5.14
C CYS B 28 -11.99 -5.86 5.38
N TYR B 29 -11.24 -6.27 4.34
CA TYR B 29 -10.35 -7.43 4.35
C TYR B 29 -11.10 -8.72 4.68
N ALA B 30 -12.36 -8.77 4.24
CA ALA B 30 -13.28 -9.91 4.39
C ALA B 30 -13.42 -10.35 5.84
N GLU B 31 -13.57 -9.39 6.76
CA GLU B 31 -13.53 -9.66 8.19
C GLU B 31 -14.53 -8.79 8.92
N TRP B 32 -15.46 -9.42 9.62
CA TRP B 32 -16.41 -8.68 10.44
C TRP B 32 -15.72 -8.26 11.73
N PRO B 33 -16.12 -7.11 12.30
CA PRO B 33 -15.57 -6.71 13.60
C PRO B 33 -16.03 -7.62 14.73
N GLU B 34 -15.16 -7.77 15.72
CA GLU B 34 -15.38 -8.65 16.86
C GLU B 34 -14.89 -7.98 18.13
N TYR B 35 -15.21 -8.59 19.26
CA TYR B 35 -14.65 -8.18 20.53
C TYR B 35 -13.26 -8.80 20.68
N LEU B 36 -12.48 -8.24 21.61
CA LEU B 36 -11.12 -8.70 21.84
C LEU B 36 -11.15 -10.06 22.53
N PRO B 37 -10.57 -11.10 21.95
CA PRO B 37 -10.55 -12.40 22.61
C PRO B 37 -9.51 -12.43 23.72
N ASP B 38 -9.62 -13.46 24.57
CA ASP B 38 -8.73 -13.61 25.70
C ASP B 38 -7.31 -13.97 25.30
N VAL B 39 -7.14 -14.67 24.18
CA VAL B 39 -5.81 -15.07 23.73
C VAL B 39 -5.00 -13.88 23.23
N ASP B 40 -5.64 -12.87 22.63
CA ASP B 40 -4.95 -11.69 22.16
C ASP B 40 -4.82 -10.61 23.23
N ALA B 41 -5.58 -10.71 24.32
CA ALA B 41 -5.66 -9.62 25.27
C ALA B 41 -4.42 -9.55 26.15
N SER B 42 -4.08 -8.32 26.55
CA SER B 42 -2.95 -8.03 27.42
C SER B 42 -3.37 -7.27 28.67
N ASP B 43 -4.27 -6.31 28.54
CA ASP B 43 -4.74 -5.52 29.68
C ASP B 43 -5.63 -6.37 30.57
N VAL B 44 -5.39 -6.29 31.89
CA VAL B 44 -6.06 -7.16 32.84
C VAL B 44 -7.42 -6.65 33.26
N ASN B 45 -7.76 -5.40 32.93
CA ASN B 45 -9.02 -4.82 33.36
C ASN B 45 -10.19 -5.40 32.60
N LYS B 46 -11.30 -5.58 33.30
CA LYS B 46 -12.53 -6.00 32.65
C LYS B 46 -13.06 -4.86 31.79
N THR B 47 -13.31 -5.16 30.52
CA THR B 47 -13.71 -4.11 29.60
C THR B 47 -15.18 -3.79 29.75
N SER B 48 -15.57 -2.62 29.27
CA SER B 48 -16.93 -2.14 29.32
C SER B 48 -17.53 -2.20 27.93
N LYS B 49 -18.70 -2.83 27.81
CA LYS B 49 -19.40 -2.94 26.54
C LYS B 49 -20.75 -2.26 26.65
N PRO B 50 -20.86 -0.99 26.26
CA PRO B 50 -22.10 -0.23 26.47
C PRO B 50 -23.13 -0.37 25.36
N ASP B 51 -23.09 -1.50 24.62
CA ASP B 51 -23.48 -1.68 23.22
C ASP B 51 -24.66 -0.88 22.66
N THR B 52 -25.81 -0.86 23.33
CA THR B 52 -26.98 -0.20 22.78
C THR B 52 -26.81 1.31 22.73
N SER B 53 -26.21 1.89 23.77
CA SER B 53 -26.04 3.32 23.85
C SER B 53 -24.97 3.85 22.91
N VAL B 54 -24.01 3.02 22.49
CA VAL B 54 -22.87 3.51 21.73
C VAL B 54 -22.76 2.90 20.34
N CYS B 55 -23.28 1.69 20.10
CA CYS B 55 -23.17 1.07 18.78
C CYS B 55 -24.44 1.39 18.03
N ARG B 56 -24.49 2.60 17.49
CA ARG B 56 -25.66 3.14 16.82
C ARG B 56 -25.16 4.18 15.83
N PHE B 57 -26.01 4.51 14.86
CA PHE B 57 -25.62 5.38 13.76
C PHE B 57 -25.60 6.82 14.24
N TYR B 58 -24.48 7.51 14.01
CA TYR B 58 -24.35 8.93 14.25
C TYR B 58 -24.17 9.62 12.91
N THR B 59 -24.99 10.64 12.64
CA THR B 59 -24.94 11.34 11.37
C THR B 59 -24.05 12.56 11.49
N LEU B 60 -23.01 12.61 10.67
CA LEU B 60 -22.09 13.73 10.61
C LEU B 60 -22.75 14.90 9.87
N ASP B 61 -22.07 16.05 9.85
CA ASP B 61 -22.62 17.18 9.12
C ASP B 61 -22.47 16.97 7.62
N SER B 62 -23.31 17.64 6.85
CA SER B 62 -23.36 17.40 5.42
C SER B 62 -22.34 18.25 4.69
N LYS B 63 -21.84 17.73 3.58
CA LYS B 63 -20.83 18.40 2.77
C LYS B 63 -21.38 18.69 1.39
N THR B 64 -21.11 19.90 0.90
CA THR B 64 -21.60 20.37 -0.38
C THR B 64 -20.65 19.97 -1.49
N TRP B 65 -21.15 19.19 -2.45
CA TRP B 65 -20.36 18.72 -3.59
C TRP B 65 -20.55 19.68 -4.75
N THR B 66 -19.50 20.39 -5.11
CA THR B 66 -19.49 21.36 -6.19
C THR B 66 -18.56 20.79 -7.28
N THR B 67 -18.57 21.41 -8.46
CA THR B 67 -17.67 21.01 -9.53
C THR B 67 -16.20 21.19 -9.16
N GLY B 68 -15.87 22.27 -8.47
CA GLY B 68 -14.49 22.53 -8.10
C GLY B 68 -14.09 21.92 -6.78
N SER B 69 -14.97 21.09 -6.22
CA SER B 69 -14.71 20.48 -4.93
C SER B 69 -13.73 19.31 -5.06
N LYS B 70 -12.81 19.21 -4.10
CA LYS B 70 -11.70 18.28 -4.16
C LYS B 70 -11.93 16.99 -3.39
N GLY B 71 -12.49 17.08 -2.20
CA GLY B 71 -12.72 15.89 -1.40
C GLY B 71 -12.67 16.21 0.08
N TRP B 72 -13.05 15.23 0.88
CA TRP B 72 -13.12 15.38 2.33
C TRP B 72 -12.51 14.17 3.00
N CYS B 73 -11.90 14.41 4.16
CA CYS B 73 -11.26 13.35 4.94
C CYS B 73 -11.81 13.40 6.35
N TRP B 74 -12.12 12.23 6.91
CA TRP B 74 -12.60 12.09 8.28
C TRP B 74 -11.75 11.06 9.00
N LYS B 75 -11.40 11.35 10.24
CA LYS B 75 -10.65 10.43 11.07
C LYS B 75 -11.56 9.74 12.08
N LEU B 76 -11.30 8.45 12.31
CA LEU B 76 -12.08 7.69 13.25
C LEU B 76 -11.12 7.20 14.33
N PRO B 77 -11.50 7.23 15.61
CA PRO B 77 -12.79 7.60 16.20
C PRO B 77 -12.99 9.09 16.42
N ASP B 78 -12.12 9.90 15.81
CA ASP B 78 -12.12 11.33 16.06
C ASP B 78 -13.39 12.02 15.58
N ALA B 79 -13.99 11.54 14.48
CA ALA B 79 -15.21 12.14 13.98
C ALA B 79 -16.37 11.93 14.95
N LEU B 80 -16.40 10.80 15.63
CA LEU B 80 -17.42 10.51 16.63
C LEU B 80 -16.93 10.82 18.04
N LYS B 81 -16.39 12.00 18.30
CA LYS B 81 -15.86 12.29 19.62
C LYS B 81 -16.77 13.17 20.46
N ASP B 82 -17.75 13.82 19.84
CA ASP B 82 -18.76 14.58 20.55
C ASP B 82 -20.13 13.94 20.44
N MET B 83 -20.21 12.72 19.93
CA MET B 83 -21.47 12.09 19.57
C MET B 83 -21.92 11.18 20.70
N GLY B 84 -22.70 11.76 21.62
CA GLY B 84 -23.44 11.00 22.61
C GLY B 84 -22.58 10.28 23.62
N VAL B 85 -23.06 9.09 24.00
CA VAL B 85 -22.42 8.26 25.00
C VAL B 85 -21.08 7.69 24.53
N PHE B 86 -20.94 7.44 23.21
CA PHE B 86 -19.69 6.93 22.65
C PHE B 86 -18.53 7.90 22.83
N GLY B 87 -18.73 9.17 22.48
CA GLY B 87 -17.71 10.18 22.70
C GLY B 87 -17.40 10.45 24.15
N GLN B 88 -18.36 10.24 25.04
CA GLN B 88 -18.12 10.38 26.47
C GLN B 88 -17.28 9.24 27.03
N ASN B 89 -17.58 8.00 26.66
CA ASN B 89 -16.72 6.89 27.02
C ASN B 89 -15.35 6.95 26.37
N MET B 90 -15.26 7.62 25.21
CA MET B 90 -13.97 7.81 24.54
C MET B 90 -13.03 8.68 25.36
N PHE B 91 -13.57 9.64 26.11
CA PHE B 91 -12.73 10.51 26.91
C PHE B 91 -12.59 10.05 28.35
N PHE B 92 -13.59 9.35 28.89
CA PHE B 92 -13.49 8.89 30.27
C PHE B 92 -12.58 7.67 30.43
N HIS B 93 -12.21 7.00 29.34
CA HIS B 93 -11.41 5.78 29.39
C HIS B 93 -10.03 6.03 28.80
N SER B 94 -9.05 5.26 29.26
CA SER B 94 -7.70 5.39 28.72
C SER B 94 -7.49 4.51 27.50
N LEU B 95 -8.23 3.41 27.40
CA LEU B 95 -8.13 2.48 26.30
C LEU B 95 -9.47 2.37 25.60
N GLY B 96 -9.47 1.64 24.49
CA GLY B 96 -10.69 1.40 23.76
C GLY B 96 -10.45 0.88 22.35
N ARG B 97 -11.35 0.04 21.86
CA ARG B 97 -11.27 -0.49 20.51
C ARG B 97 -12.68 -0.52 19.93
N SER B 98 -12.76 -0.42 18.60
CA SER B 98 -14.05 -0.27 17.95
C SER B 98 -13.94 -0.64 16.49
N GLY B 99 -14.99 -1.29 15.99
CA GLY B 99 -15.20 -1.41 14.57
C GLY B 99 -16.27 -0.44 14.13
N TYR B 100 -16.44 -0.24 12.82
CA TYR B 100 -17.36 0.76 12.32
C TYR B 100 -18.14 0.24 11.12
N THR B 101 -19.35 0.76 10.95
CA THR B 101 -20.09 0.68 9.69
C THR B 101 -20.26 2.11 9.19
N VAL B 102 -19.68 2.40 8.03
CA VAL B 102 -19.74 3.73 7.45
C VAL B 102 -20.71 3.70 6.27
N HIS B 103 -21.67 4.62 6.28
CA HIS B 103 -22.66 4.72 5.21
C HIS B 103 -22.67 6.15 4.71
N VAL B 104 -22.32 6.35 3.44
CA VAL B 104 -22.17 7.68 2.86
C VAL B 104 -23.34 7.90 1.90
N GLN B 105 -24.10 8.97 2.11
CA GLN B 105 -25.27 9.29 1.30
C GLN B 105 -24.90 10.29 0.21
N CYS B 106 -25.33 10.02 -1.03
CA CYS B 106 -25.37 11.06 -2.08
C CYS B 106 -26.38 10.63 -3.13
N ASN B 107 -27.57 11.23 -3.11
CA ASN B 107 -28.60 10.94 -4.10
C ASN B 107 -28.68 12.08 -5.11
N ALA B 108 -29.10 11.74 -6.33
CA ALA B 108 -29.20 12.68 -7.43
C ALA B 108 -30.34 12.22 -8.35
N THR B 109 -30.36 12.70 -9.58
CA THR B 109 -31.30 12.27 -10.59
C THR B 109 -30.59 11.46 -11.66
N LYS B 110 -31.35 10.98 -12.64
CA LYS B 110 -30.81 10.22 -13.76
C LYS B 110 -30.18 11.11 -14.82
N PHE B 111 -30.39 12.41 -14.74
CA PHE B 111 -29.69 13.36 -15.60
C PHE B 111 -28.33 13.77 -15.05
N HIS B 112 -28.04 13.47 -13.80
CA HIS B 112 -26.79 13.85 -13.17
C HIS B 112 -25.66 12.89 -13.58
N SER B 113 -24.44 13.41 -13.51
CA SER B 113 -23.24 12.63 -13.73
C SER B 113 -22.21 12.99 -12.66
N GLY B 114 -21.33 12.05 -12.37
CA GLY B 114 -20.35 12.24 -11.32
C GLY B 114 -20.08 10.94 -10.60
N CYS B 115 -18.92 10.88 -9.96
CA CYS B 115 -18.52 9.64 -9.29
C CYS B 115 -17.65 9.98 -8.09
N LEU B 116 -17.94 9.37 -6.95
CA LEU B 116 -17.17 9.57 -5.73
C LEU B 116 -16.41 8.31 -5.38
N LEU B 117 -15.22 8.49 -4.81
CA LEU B 117 -14.43 7.37 -4.27
C LEU B 117 -14.49 7.43 -2.76
N VAL B 118 -15.24 6.52 -2.16
CA VAL B 118 -15.31 6.38 -0.71
C VAL B 118 -14.30 5.30 -0.35
N VAL B 119 -13.30 5.64 0.45
CA VAL B 119 -12.22 4.73 0.78
C VAL B 119 -11.89 4.84 2.26
N VAL B 120 -11.64 3.70 2.90
CA VAL B 120 -11.19 3.63 4.28
C VAL B 120 -9.73 3.23 4.26
N ILE B 121 -8.88 4.02 4.91
CA ILE B 121 -7.43 3.83 4.92
C ILE B 121 -7.01 3.54 6.35
N PRO B 122 -6.43 2.38 6.64
CA PRO B 122 -5.82 2.16 7.96
C PRO B 122 -4.50 2.90 8.09
N GLU B 123 -4.33 3.58 9.24
CA GLU B 123 -3.13 4.32 9.62
C GLU B 123 -2.74 5.36 8.57
N HIS B 124 -3.71 6.18 8.17
CA HIS B 124 -3.49 7.20 7.15
C HIS B 124 -2.71 8.35 7.77
N GLN B 125 -1.40 8.17 7.84
CA GLN B 125 -0.53 9.21 8.37
C GLN B 125 -0.35 10.32 7.35
N LEU B 126 -0.66 11.54 7.76
CA LEU B 126 -0.69 12.67 6.84
C LEU B 126 0.68 13.29 6.67
N ALA B 127 0.89 13.94 5.53
CA ALA B 127 2.12 14.67 5.26
C ALA B 127 1.92 16.14 5.57
N SER B 128 2.95 16.75 6.16
CA SER B 128 2.96 18.19 6.32
C SER B 128 3.12 18.86 4.95
N HIS B 129 2.53 20.05 4.82
CA HIS B 129 2.57 20.76 3.56
C HIS B 129 3.89 21.48 3.32
N GLU B 130 4.79 21.49 4.29
CA GLU B 130 6.08 22.15 4.14
C GLU B 130 7.21 21.21 3.77
N GLY B 131 7.05 19.92 3.98
CA GLY B 131 8.11 18.97 3.70
C GLY B 131 9.19 19.00 4.77
N GLY B 132 10.22 18.20 4.53
CA GLY B 132 11.30 18.07 5.50
C GLY B 132 10.86 17.28 6.70
N ASN B 133 11.26 17.70 7.90
CA ASN B 133 10.89 17.03 9.13
C ASN B 133 9.81 17.77 9.91
N VAL B 134 8.98 18.55 9.22
CA VAL B 134 7.90 19.28 9.87
C VAL B 134 6.77 18.31 10.16
N SER B 135 6.23 18.37 11.38
CA SER B 135 5.13 17.51 11.77
C SER B 135 3.80 18.25 11.66
N VAL B 136 2.72 17.48 11.72
CA VAL B 136 1.37 18.01 11.70
C VAL B 136 0.90 18.12 13.14
N LYS B 137 0.39 19.29 13.52
CA LYS B 137 -0.05 19.51 14.88
C LYS B 137 -1.34 18.75 15.19
N TYR B 138 -1.65 18.67 16.48
CA TYR B 138 -2.68 17.75 16.98
C TYR B 138 -4.07 18.13 16.51
N THR B 139 -4.39 19.42 16.52
CA THR B 139 -5.73 19.90 16.18
C THR B 139 -6.05 19.75 14.71
N PHE B 140 -5.05 19.68 13.85
CA PHE B 140 -5.28 19.54 12.42
C PHE B 140 -5.45 18.09 11.98
N THR B 141 -5.02 17.14 12.79
CA THR B 141 -5.35 15.73 12.59
C THR B 141 -6.53 15.29 13.43
N HIS B 142 -7.06 16.17 14.28
CA HIS B 142 -8.27 15.90 15.06
C HIS B 142 -9.29 17.01 14.82
N PRO B 143 -9.99 17.01 13.67
CA PRO B 143 -10.97 18.07 13.42
C PRO B 143 -12.37 17.74 13.97
N GLY B 144 -12.66 16.47 14.15
CA GLY B 144 -13.97 16.08 14.63
C GLY B 144 -14.90 15.66 13.50
N GLU B 145 -16.20 15.88 13.68
CA GLU B 145 -17.19 15.58 12.65
C GLU B 145 -17.08 16.50 11.44
N ARG B 146 -16.46 17.67 11.60
CA ARG B 146 -16.26 18.59 10.50
C ARG B 146 -15.30 18.03 9.48
N GLY B 147 -14.33 17.22 9.90
CA GLY B 147 -13.41 16.60 8.98
C GLY B 147 -12.40 17.59 8.43
N ILE B 148 -11.68 17.14 7.41
CA ILE B 148 -10.74 17.98 6.68
C ILE B 148 -11.32 18.22 5.30
N ASP B 149 -11.63 19.46 4.99
CA ASP B 149 -11.96 19.84 3.62
C ASP B 149 -10.64 19.93 2.85
N LEU B 150 -10.49 19.10 1.82
CA LEU B 150 -9.24 19.09 1.06
C LEU B 150 -9.14 20.24 0.08
N SER B 151 -10.23 20.94 -0.18
CA SER B 151 -10.24 22.09 -1.05
C SER B 151 -9.98 23.39 -0.31
N SER B 152 -9.63 23.32 0.98
CA SER B 152 -9.28 24.49 1.76
C SER B 152 -7.81 24.83 1.58
N ALA B 153 -7.37 25.86 2.30
CA ALA B 153 -6.04 26.42 2.08
C ALA B 153 -5.02 25.80 3.01
N ASN B 154 -3.75 26.02 2.68
CA ASN B 154 -2.64 25.59 3.50
C ASN B 154 -2.56 26.44 4.75
N GLU B 155 -2.43 25.81 5.91
CA GLU B 155 -2.38 26.50 7.19
C GLU B 155 -1.33 25.87 8.09
N VAL B 156 -0.73 26.72 8.94
CA VAL B 156 0.54 26.43 9.59
C VAL B 156 0.34 25.35 10.66
N GLY B 157 1.13 24.28 10.56
CA GLY B 157 1.02 23.15 11.43
C GLY B 157 0.07 22.08 10.92
N GLY B 158 -0.62 22.35 9.81
CA GLY B 158 -1.60 21.43 9.28
C GLY B 158 -1.02 20.54 8.22
N PRO B 159 -1.87 19.64 7.71
CA PRO B 159 -1.43 18.72 6.66
C PRO B 159 -1.49 19.38 5.28
N VAL B 160 -0.85 18.72 4.33
CA VAL B 160 -1.03 19.07 2.93
C VAL B 160 -2.43 18.65 2.49
N LYS B 161 -2.98 19.36 1.51
CA LYS B 161 -4.36 19.11 1.11
C LYS B 161 -4.47 18.90 -0.39
N ASP B 162 -3.51 18.19 -0.98
CA ASP B 162 -3.61 17.81 -2.39
C ASP B 162 -4.28 16.45 -2.48
N VAL B 163 -5.45 16.41 -3.12
CA VAL B 163 -6.25 15.19 -3.17
C VAL B 163 -5.62 14.13 -4.05
N LEU B 164 -4.82 14.55 -5.03
CA LEU B 164 -4.09 13.64 -5.90
C LEU B 164 -3.07 12.81 -5.14
N TYR B 165 -2.31 13.44 -4.25
CA TYR B 165 -1.22 12.76 -3.57
C TYR B 165 -1.63 12.16 -2.24
N ASN B 166 -2.94 12.15 -1.96
CA ASN B 166 -3.57 11.38 -0.89
C ASN B 166 -3.14 11.83 0.50
N MET B 167 -2.53 13.02 0.57
CA MET B 167 -1.95 13.64 1.76
C MET B 167 -0.82 12.82 2.37
N ASN B 168 -0.25 11.85 1.64
CA ASN B 168 0.88 11.09 2.14
C ASN B 168 1.93 10.74 1.10
N GLY B 169 1.80 11.20 -0.14
CA GLY B 169 2.81 11.01 -1.15
C GLY B 169 2.53 9.87 -2.12
N THR B 170 1.39 9.22 -1.99
CA THR B 170 0.99 8.16 -2.91
C THR B 170 -0.13 8.67 -3.80
N LEU B 171 -0.15 8.22 -5.06
CA LEU B 171 -1.16 8.73 -5.97
C LEU B 171 -2.55 8.16 -5.69
N LEU B 172 -3.54 8.93 -6.14
CA LEU B 172 -4.94 8.66 -5.87
C LEU B 172 -5.46 7.43 -6.60
N GLY B 173 -4.85 7.06 -7.73
CA GLY B 173 -5.32 5.91 -8.47
C GLY B 173 -5.05 4.59 -7.79
N ASN B 174 -3.94 4.51 -7.05
CA ASN B 174 -3.60 3.28 -6.35
C ASN B 174 -4.24 3.21 -4.97
N LEU B 175 -5.23 4.04 -4.69
CA LEU B 175 -5.88 4.06 -3.39
C LEU B 175 -6.96 2.99 -3.28
N LEU B 176 -7.19 2.24 -4.35
CA LEU B 176 -8.16 1.16 -4.42
C LEU B 176 -7.64 -0.14 -3.84
N ILE B 177 -6.38 -0.19 -3.41
CA ILE B 177 -5.88 -1.33 -2.65
C ILE B 177 -6.45 -1.31 -1.24
N PHE B 178 -6.78 -0.12 -0.72
CA PHE B 178 -7.51 0.01 0.51
C PHE B 178 -8.97 -0.36 0.27
N PRO B 179 -9.71 -0.79 1.33
CA PRO B 179 -11.14 -1.09 1.14
C PRO B 179 -11.95 0.11 0.72
N HIS B 180 -12.51 0.04 -0.48
CA HIS B 180 -13.10 1.18 -1.15
C HIS B 180 -14.44 0.78 -1.73
N GLN B 181 -15.18 1.80 -2.17
CA GLN B 181 -16.46 1.63 -2.84
C GLN B 181 -16.77 2.94 -3.55
N PHE B 182 -17.28 2.85 -4.76
CA PHE B 182 -17.65 4.02 -5.53
C PHE B 182 -19.10 4.41 -5.26
N ILE B 183 -19.40 5.68 -5.47
CA ILE B 183 -20.78 6.16 -5.61
C ILE B 183 -20.87 6.77 -7.00
N ASN B 184 -21.47 6.04 -7.92
CA ASN B 184 -21.71 6.53 -9.27
C ASN B 184 -23.17 6.90 -9.38
N LEU B 185 -23.45 8.16 -9.75
CA LEU B 185 -24.81 8.69 -9.75
C LEU B 185 -25.75 8.00 -10.71
N ARG B 186 -25.22 7.38 -11.77
CA ARG B 186 -26.04 6.57 -12.66
C ARG B 186 -26.37 5.20 -12.08
N THR B 187 -25.63 4.75 -11.06
CA THR B 187 -25.76 3.42 -10.50
C THR B 187 -26.11 3.45 -9.02
N ASN B 188 -25.40 4.27 -8.26
CA ASN B 188 -25.28 4.17 -6.82
C ASN B 188 -25.76 5.46 -6.19
N ASN B 189 -26.32 5.36 -4.98
CA ASN B 189 -26.47 6.57 -4.20
C ASN B 189 -25.87 6.45 -2.82
N THR B 190 -25.57 5.24 -2.35
CA THR B 190 -24.92 5.03 -1.06
C THR B 190 -23.72 4.12 -1.21
N ALA B 191 -22.84 4.16 -0.21
CA ALA B 191 -21.72 3.23 -0.10
C ALA B 191 -21.63 2.76 1.34
N THR B 192 -21.51 1.45 1.54
CA THR B 192 -21.42 0.86 2.87
C THR B 192 -20.06 0.19 3.03
N ILE B 193 -19.29 0.61 4.02
CA ILE B 193 -18.02 -0.02 4.35
C ILE B 193 -18.04 -0.40 5.82
N VAL B 194 -17.84 -1.69 6.11
CA VAL B 194 -17.78 -2.19 7.49
C VAL B 194 -16.32 -2.43 7.85
N ILE B 195 -15.86 -1.78 8.90
CA ILE B 195 -14.45 -1.77 9.29
C ILE B 195 -14.30 -2.59 10.57
N PRO B 196 -13.39 -3.55 10.63
CA PRO B 196 -13.01 -4.13 11.92
C PRO B 196 -11.98 -3.27 12.63
N TYR B 197 -11.46 -3.75 13.75
CA TYR B 197 -10.44 -3.01 14.47
C TYR B 197 -9.08 -3.44 13.92
N ILE B 198 -8.37 -2.50 13.32
CA ILE B 198 -7.08 -2.77 12.67
C ILE B 198 -6.00 -2.03 13.45
N ASN B 199 -5.21 -2.77 14.22
CA ASN B 199 -4.12 -2.17 14.98
C ASN B 199 -3.07 -3.23 15.22
N SER B 200 -1.87 -2.76 15.57
CA SER B 200 -0.81 -3.69 15.96
C SER B 200 -0.81 -3.96 17.47
N VAL B 201 -1.67 -3.30 18.22
CA VAL B 201 -1.85 -3.52 19.65
C VAL B 201 -3.23 -4.14 19.85
N PRO B 202 -3.49 -4.84 20.95
CA PRO B 202 -4.85 -5.39 21.15
C PRO B 202 -5.90 -4.32 21.42
N ILE B 203 -5.49 -3.21 22.03
CA ILE B 203 -6.40 -2.13 22.41
C ILE B 203 -5.55 -0.88 22.58
N ASP B 204 -6.08 0.27 22.19
CA ASP B 204 -5.28 1.48 22.13
C ASP B 204 -6.05 2.67 22.67
N SER B 205 -5.30 3.74 22.94
CA SER B 205 -5.90 5.03 23.28
C SER B 205 -6.67 5.57 22.09
N MET B 206 -7.89 6.04 22.34
CA MET B 206 -8.76 6.53 21.27
C MET B 206 -8.64 8.02 21.04
N THR B 207 -7.82 8.72 21.83
CA THR B 207 -7.69 10.16 21.70
C THR B 207 -6.37 10.59 21.08
N ARG B 208 -5.29 9.82 21.27
CA ARG B 208 -4.00 10.15 20.70
C ARG B 208 -3.71 9.40 19.41
N HIS B 209 -4.64 8.59 18.92
CA HIS B 209 -4.38 7.71 17.78
C HIS B 209 -5.67 7.50 17.02
N ASN B 210 -5.65 7.76 15.72
CA ASN B 210 -6.76 7.43 14.84
C ASN B 210 -6.41 6.17 14.07
N ASN B 211 -7.28 5.17 14.14
CA ASN B 211 -6.96 3.88 13.56
C ASN B 211 -7.17 3.89 12.04
N VAL B 212 -8.30 4.40 11.59
CA VAL B 212 -8.57 4.52 10.17
C VAL B 212 -8.96 5.95 9.83
N SER B 213 -8.87 6.28 8.55
CA SER B 213 -9.35 7.55 8.05
C SER B 213 -10.26 7.29 6.86
N LEU B 214 -11.35 8.04 6.77
CA LEU B 214 -12.32 7.90 5.71
C LEU B 214 -12.24 9.08 4.75
N MET B 215 -12.00 8.78 3.48
CA MET B 215 -11.88 9.81 2.45
C MET B 215 -12.99 9.63 1.43
N VAL B 216 -13.76 10.70 1.21
CA VAL B 216 -14.76 10.76 0.14
C VAL B 216 -14.20 11.69 -0.92
N ILE B 217 -13.89 11.14 -2.09
CA ILE B 217 -13.14 11.83 -3.13
C ILE B 217 -13.94 11.81 -4.42
N PRO B 218 -14.25 12.97 -5.01
CA PRO B 218 -14.84 12.97 -6.36
C PRO B 218 -13.82 12.70 -7.45
N ILE B 219 -13.89 11.53 -8.08
CA ILE B 219 -12.99 11.22 -9.18
C ILE B 219 -13.46 11.90 -10.45
N ALA B 220 -14.63 11.49 -10.95
CA ALA B 220 -15.29 12.17 -12.03
C ALA B 220 -16.01 13.39 -11.50
N PRO B 221 -15.87 14.54 -12.14
CA PRO B 221 -16.45 15.78 -11.62
C PRO B 221 -17.97 15.77 -11.74
N LEU B 222 -18.60 16.59 -10.91
CA LEU B 222 -20.04 16.64 -10.85
C LEU B 222 -20.60 17.42 -12.04
N THR B 223 -21.52 16.81 -12.77
CA THR B 223 -22.18 17.47 -13.90
C THR B 223 -23.68 17.42 -13.64
N VAL B 224 -24.25 18.59 -13.30
CA VAL B 224 -25.68 18.73 -13.10
C VAL B 224 -26.33 18.93 -14.47
N PRO B 225 -27.61 18.65 -14.64
CA PRO B 225 -28.30 19.03 -15.88
C PRO B 225 -28.45 20.55 -15.99
N THR B 226 -28.89 20.97 -17.17
CA THR B 226 -28.93 22.40 -17.50
C THR B 226 -30.00 23.11 -16.68
N GLY B 227 -29.58 24.10 -15.91
CA GLY B 227 -30.48 24.85 -15.03
C GLY B 227 -30.60 24.29 -13.63
N ALA B 228 -30.03 23.14 -13.36
CA ALA B 228 -30.03 22.58 -12.01
C ALA B 228 -29.06 23.36 -11.13
N THR B 229 -29.29 23.27 -9.82
CA THR B 229 -28.34 23.91 -8.92
C THR B 229 -27.02 23.12 -8.89
N PRO B 230 -25.88 23.80 -8.98
CA PRO B 230 -24.61 23.09 -9.19
C PRO B 230 -24.03 22.51 -7.91
N SER B 231 -24.81 21.63 -7.29
CA SER B 231 -24.55 21.23 -5.91
C SER B 231 -25.31 19.95 -5.61
N LEU B 232 -24.69 19.08 -4.83
CA LEU B 232 -25.36 17.94 -4.23
C LEU B 232 -24.87 17.84 -2.80
N PRO B 233 -25.72 17.39 -1.88
CA PRO B 233 -25.26 17.12 -0.52
C PRO B 233 -24.69 15.72 -0.38
N ILE B 234 -23.64 15.62 0.44
CA ILE B 234 -23.06 14.35 0.81
C ILE B 234 -23.14 14.24 2.33
N THR B 235 -23.67 13.11 2.80
CA THR B 235 -23.87 12.90 4.22
C THR B 235 -23.15 11.62 4.62
N VAL B 236 -22.46 11.66 5.75
CA VAL B 236 -21.74 10.52 6.29
C VAL B 236 -22.37 10.10 7.61
N THR B 237 -22.65 8.81 7.75
CA THR B 237 -23.27 8.25 8.95
C THR B 237 -22.40 7.07 9.39
N ILE B 238 -21.77 7.19 10.55
CA ILE B 238 -20.87 6.18 11.08
C ILE B 238 -21.45 5.60 12.36
N ALA B 239 -21.40 4.28 12.49
CA ALA B 239 -21.87 3.58 13.68
C ALA B 239 -20.72 2.77 14.25
N PRO B 240 -20.38 2.93 15.53
CA PRO B 240 -19.42 2.01 16.16
C PRO B 240 -19.97 0.60 16.22
N MET B 241 -19.07 -0.38 16.20
CA MET B 241 -19.47 -1.78 16.23
C MET B 241 -18.50 -2.57 17.08
N CYS B 242 -19.04 -3.38 18.00
CA CYS B 242 -18.27 -4.21 18.95
C CYS B 242 -17.27 -3.37 19.74
N THR B 243 -17.78 -2.36 20.43
CA THR B 243 -16.95 -1.35 21.06
C THR B 243 -16.68 -1.74 22.51
N GLU B 244 -15.41 -1.75 22.88
CA GLU B 244 -14.97 -1.99 24.25
C GLU B 244 -14.24 -0.77 24.77
N PHE B 245 -14.35 -0.54 26.07
CA PHE B 245 -13.66 0.54 26.75
C PHE B 245 -13.00 -0.04 28.00
N SER B 246 -11.77 0.40 28.27
CA SER B 246 -11.02 -0.17 29.38
C SER B 246 -10.20 0.92 30.03
N GLY B 247 -9.99 0.76 31.34
CA GLY B 247 -9.24 1.74 32.11
C GLY B 247 -9.97 3.04 32.34
N ILE B 248 -11.12 3.00 33.02
CA ILE B 248 -11.88 4.23 33.24
C ILE B 248 -11.21 5.08 34.32
N ARG B 249 -11.23 6.39 34.08
CA ARG B 249 -10.59 7.40 34.91
C ARG B 249 -11.40 8.69 34.74
N SER B 250 -10.76 9.83 34.98
CA SER B 250 -11.45 11.10 35.20
C SER B 250 -11.44 12.04 33.99
N LYS B 251 -11.64 11.53 32.76
CA LYS B 251 -11.78 12.35 31.54
C LYS B 251 -10.57 13.23 31.24
N SER B 252 -9.55 12.64 30.64
CA SER B 252 -8.40 13.38 30.09
C SER B 252 -8.82 14.54 29.21
N ILE B 253 -8.05 15.62 29.29
CA ILE B 253 -8.27 16.83 28.51
C ILE B 253 -7.35 16.79 27.30
N VAL B 254 -7.93 16.99 26.13
CA VAL B 254 -7.17 17.02 24.87
C VAL B 254 -6.96 18.48 24.49
N PRO B 255 -6.04 18.82 23.59
CA PRO B 255 -5.93 20.21 23.14
C PRO B 255 -7.19 20.68 22.43
N GLN B 256 -7.64 21.89 22.81
CA GLN B 256 -8.89 22.52 22.36
C GLN B 256 -10.12 21.63 22.55
N GLY C 1 40.83 -32.19 15.27
CA GLY C 1 40.46 -31.25 14.23
C GLY C 1 40.10 -31.91 12.92
N LEU C 2 38.90 -31.62 12.43
CA LEU C 2 38.44 -32.19 11.17
C LEU C 2 39.17 -31.49 10.02
N PRO C 3 39.86 -32.21 9.15
CA PRO C 3 40.61 -31.58 8.05
C PRO C 3 39.65 -31.05 6.97
N THR C 4 39.70 -29.75 6.74
CA THR C 4 38.80 -29.06 5.81
C THR C 4 39.59 -28.37 4.71
N THR C 5 38.86 -27.91 3.69
CA THR C 5 39.43 -27.10 2.62
C THR C 5 38.45 -25.98 2.33
N THR C 6 38.93 -24.73 2.33
CA THR C 6 38.08 -23.58 2.09
C THR C 6 37.97 -23.29 0.60
N LEU C 7 36.76 -23.06 0.14
CA LEU C 7 36.43 -22.91 -1.26
C LEU C 7 36.57 -21.46 -1.71
N PRO C 8 36.66 -21.20 -3.02
CA PRO C 8 36.55 -19.82 -3.49
C PRO C 8 35.17 -19.24 -3.22
N GLY C 9 35.14 -18.09 -2.58
CA GLY C 9 33.92 -17.55 -2.02
C GLY C 9 33.84 -17.62 -0.52
N SER C 10 34.94 -17.93 0.16
CA SER C 10 34.99 -17.90 1.61
C SER C 10 35.22 -16.46 2.07
N GLY C 11 34.36 -15.98 2.96
CA GLY C 11 34.42 -14.61 3.41
C GLY C 11 33.69 -13.62 2.55
N GLN C 12 33.02 -14.08 1.49
CA GLN C 12 32.22 -13.16 0.69
C GLN C 12 30.90 -12.86 1.41
N PHE C 13 30.34 -11.70 1.08
CA PHE C 13 29.03 -11.30 1.58
C PHE C 13 28.12 -11.22 0.36
N LEU C 14 27.32 -12.27 0.16
CA LEU C 14 26.25 -12.26 -0.82
C LEU C 14 24.97 -11.79 -0.14
N THR C 15 24.33 -10.77 -0.71
CA THR C 15 23.16 -10.17 -0.07
C THR C 15 21.96 -11.10 -0.10
N THR C 16 21.89 -11.99 -1.07
CA THR C 16 20.77 -12.91 -1.21
C THR C 16 21.01 -14.24 -0.51
N ASP C 17 22.11 -14.39 0.20
CA ASP C 17 22.41 -15.65 0.88
C ASP C 17 21.53 -15.81 2.12
N ASP C 18 20.96 -17.00 2.25
CA ASP C 18 20.00 -17.31 3.31
C ASP C 18 20.61 -18.38 4.22
N ARG C 19 21.39 -17.93 5.20
CA ARG C 19 22.01 -18.83 6.15
C ARG C 19 21.55 -18.49 7.57
N GLN C 20 22.16 -19.18 8.53
CA GLN C 20 21.93 -18.92 9.93
C GLN C 20 23.04 -18.05 10.48
N SER C 21 22.75 -17.39 11.61
CA SER C 21 23.70 -16.46 12.20
C SER C 21 23.40 -16.39 13.69
N PRO C 22 24.38 -16.08 14.55
CA PRO C 22 24.12 -16.08 15.99
C PRO C 22 23.20 -14.95 16.42
N SER C 23 22.34 -15.25 17.38
CA SER C 23 21.41 -14.26 17.90
C SER C 23 22.11 -13.35 18.90
N ALA C 24 22.02 -12.04 18.65
CA ALA C 24 22.64 -11.08 19.55
C ALA C 24 21.87 -10.91 20.85
N LEU C 25 20.60 -11.31 20.89
CA LEU C 25 19.79 -11.22 22.10
C LEU C 25 19.35 -12.63 22.47
N PRO C 26 20.15 -13.37 23.22
CA PRO C 26 19.74 -14.70 23.66
C PRO C 26 18.62 -14.65 24.69
N ASN C 27 17.78 -15.69 24.65
CA ASN C 27 16.63 -15.91 25.52
C ASN C 27 15.56 -14.83 25.41
N TYR C 28 15.58 -14.02 24.36
CA TYR C 28 14.60 -12.96 24.20
C TYR C 28 13.27 -13.54 23.74
N GLU C 29 12.20 -13.14 24.43
CA GLU C 29 10.84 -13.56 24.08
C GLU C 29 10.10 -12.40 23.47
N PRO C 30 9.78 -12.44 22.18
CA PRO C 30 9.12 -11.30 21.53
C PRO C 30 7.64 -11.22 21.88
N THR C 31 7.04 -10.13 21.46
CA THR C 31 5.62 -9.88 21.71
C THR C 31 4.77 -10.87 20.94
N PRO C 32 3.81 -11.54 21.60
CA PRO C 32 2.98 -12.53 20.90
C PRO C 32 2.11 -11.91 19.82
N ARG C 33 1.89 -12.68 18.77
CA ARG C 33 1.08 -12.23 17.65
C ARG C 33 -0.39 -12.14 18.05
N ILE C 34 -1.01 -11.02 17.69
CA ILE C 34 -2.45 -10.91 17.73
C ILE C 34 -2.95 -11.01 16.30
N HIS C 35 -4.26 -11.11 16.16
CA HIS C 35 -4.87 -11.22 14.83
C HIS C 35 -5.00 -9.82 14.24
N ILE C 36 -4.30 -9.57 13.15
CA ILE C 36 -4.44 -8.35 12.37
C ILE C 36 -5.04 -8.75 11.02
N PRO C 37 -6.06 -8.06 10.53
CA PRO C 37 -6.60 -8.40 9.21
C PRO C 37 -5.70 -7.92 8.08
N GLY C 38 -6.05 -8.35 6.87
CA GLY C 38 -5.36 -7.94 5.66
C GLY C 38 -3.94 -8.42 5.50
N LYS C 39 -3.68 -9.68 5.86
CA LYS C 39 -2.33 -10.22 5.84
C LYS C 39 -1.91 -10.59 4.43
N VAL C 40 -0.75 -10.11 4.01
CA VAL C 40 -0.26 -10.35 2.67
C VAL C 40 0.75 -11.50 2.72
N HIS C 41 0.55 -12.51 1.88
CA HIS C 41 1.49 -13.61 1.77
C HIS C 41 2.29 -13.58 0.49
N ASN C 42 1.82 -12.86 -0.52
CA ASN C 42 2.39 -12.94 -1.85
C ASN C 42 2.00 -11.67 -2.60
N LEU C 43 2.92 -11.15 -3.40
CA LEU C 43 2.63 -9.98 -4.21
C LEU C 43 1.78 -10.31 -5.44
N LEU C 44 1.56 -11.58 -5.72
CA LEU C 44 0.59 -11.99 -6.74
C LEU C 44 -0.84 -11.96 -6.22
N GLU C 45 -1.04 -11.81 -4.92
CA GLU C 45 -2.36 -11.60 -4.36
C GLU C 45 -2.87 -10.18 -4.57
N ILE C 46 -2.01 -9.18 -4.46
CA ILE C 46 -2.45 -7.78 -4.42
C ILE C 46 -2.30 -7.08 -5.76
N ILE C 47 -1.85 -7.78 -6.81
CA ILE C 47 -1.90 -7.22 -8.14
C ILE C 47 -3.08 -7.72 -8.93
N GLN C 48 -3.93 -8.54 -8.34
CA GLN C 48 -5.21 -8.86 -8.92
C GLN C 48 -6.30 -7.91 -8.47
N VAL C 49 -5.92 -6.83 -7.80
CA VAL C 49 -6.85 -5.76 -7.42
C VAL C 49 -6.73 -4.65 -8.45
N ASP C 50 -7.87 -4.20 -8.97
CA ASP C 50 -7.88 -3.09 -9.90
C ASP C 50 -7.48 -1.79 -9.23
N THR C 51 -6.66 -1.00 -9.91
CA THR C 51 -6.36 0.37 -9.54
C THR C 51 -6.46 1.23 -10.78
N LEU C 52 -6.75 2.51 -10.58
CA LEU C 52 -7.02 3.41 -11.70
C LEU C 52 -5.76 3.67 -12.52
N ILE C 53 -5.95 3.84 -13.82
CA ILE C 53 -4.86 4.12 -14.76
C ILE C 53 -4.84 5.62 -15.03
N PRO C 54 -3.77 6.32 -14.73
CA PRO C 54 -3.68 7.75 -15.10
C PRO C 54 -3.42 7.88 -16.59
N MET C 55 -4.47 7.78 -17.40
CA MET C 55 -4.22 7.52 -18.80
C MET C 55 -4.42 8.77 -19.65
N ASN C 56 -5.17 9.73 -19.14
CA ASN C 56 -5.26 11.06 -19.75
C ASN C 56 -4.01 11.86 -19.37
N ASN C 57 -2.88 11.48 -19.95
CA ASN C 57 -1.56 12.01 -19.63
C ASN C 57 -1.30 13.39 -20.20
N THR C 58 -2.30 14.04 -20.79
CA THR C 58 -2.09 15.27 -21.55
C THR C 58 -2.20 16.51 -20.66
N HIS C 59 -1.47 16.49 -19.55
CA HIS C 59 -1.52 17.57 -18.58
C HIS C 59 -0.11 17.91 -18.14
N THR C 60 0.19 19.21 -18.06
CA THR C 60 1.51 19.68 -17.68
C THR C 60 1.87 19.38 -16.23
N LYS C 61 0.87 19.17 -15.37
CA LYS C 61 1.10 18.73 -14.01
C LYS C 61 0.10 17.62 -13.72
N ASP C 62 0.41 16.81 -12.71
CA ASP C 62 -0.38 15.63 -12.41
C ASP C 62 -1.71 16.05 -11.79
N GLU C 63 -2.81 15.44 -12.24
CA GLU C 63 -4.15 15.88 -11.87
C GLU C 63 -5.05 14.68 -11.61
N VAL C 64 -6.19 14.95 -10.98
CA VAL C 64 -7.27 13.97 -10.89
C VAL C 64 -7.85 13.70 -12.27
N ASN C 65 -7.90 14.74 -13.12
CA ASN C 65 -8.33 14.72 -14.50
C ASN C 65 -7.50 13.75 -15.35
N SER C 66 -6.28 13.42 -14.94
CA SER C 66 -5.44 12.44 -15.64
C SER C 66 -6.04 11.04 -15.59
N TYR C 67 -6.93 10.76 -14.64
CA TYR C 67 -7.58 9.48 -14.54
C TYR C 67 -8.87 9.40 -15.34
N LEU C 68 -9.30 10.49 -15.97
CA LEU C 68 -10.58 10.56 -16.64
C LEU C 68 -10.37 10.59 -18.14
N ILE C 69 -10.87 9.56 -18.83
CA ILE C 69 -10.82 9.50 -20.28
C ILE C 69 -12.04 10.24 -20.82
N PRO C 70 -11.86 11.35 -21.52
CA PRO C 70 -13.01 12.13 -22.00
C PRO C 70 -13.76 11.39 -23.10
N LEU C 71 -15.07 11.64 -23.16
CA LEU C 71 -15.96 10.91 -24.05
C LEU C 71 -16.95 11.93 -24.60
N ASN C 72 -16.93 12.13 -25.92
CA ASN C 72 -17.73 13.17 -26.53
C ASN C 72 -18.99 12.61 -27.17
N ALA C 73 -20.05 13.39 -27.17
CA ALA C 73 -21.34 12.95 -27.66
C ALA C 73 -21.47 13.17 -29.16
N ASN C 74 -22.30 12.33 -29.79
CA ASN C 74 -22.67 12.41 -31.21
C ASN C 74 -21.45 12.27 -32.13
N ARG C 75 -20.43 11.55 -31.67
CA ARG C 75 -19.27 11.23 -32.46
C ARG C 75 -19.39 9.82 -33.02
N GLN C 76 -18.84 9.62 -34.21
CA GLN C 76 -19.00 8.36 -34.91
C GLN C 76 -17.65 7.93 -35.46
N ASN C 77 -17.32 6.65 -35.29
CA ASN C 77 -16.12 5.98 -35.79
C ASN C 77 -14.80 6.53 -35.23
N GLU C 78 -14.85 7.38 -34.22
CA GLU C 78 -13.65 8.02 -33.71
C GLU C 78 -12.96 7.14 -32.69
N GLN C 79 -11.89 7.65 -32.09
CA GLN C 79 -11.08 6.92 -31.12
C GLN C 79 -11.23 7.57 -29.75
N VAL C 80 -11.36 6.73 -28.73
CA VAL C 80 -11.51 7.21 -27.36
C VAL C 80 -10.13 7.32 -26.71
N PHE C 81 -9.37 6.23 -26.73
CA PHE C 81 -8.00 6.26 -26.23
C PHE C 81 -7.14 5.30 -27.05
N GLY C 82 -5.85 5.30 -26.75
CA GLY C 82 -4.91 4.37 -27.32
C GLY C 82 -3.58 4.40 -26.59
N THR C 83 -3.00 3.23 -26.35
CA THR C 83 -1.70 3.16 -25.70
C THR C 83 -1.00 1.88 -26.11
N ASN C 84 0.31 1.84 -25.85
CA ASN C 84 1.06 0.60 -25.96
C ASN C 84 0.99 -0.15 -24.63
N LEU C 85 1.31 -1.43 -24.67
CA LEU C 85 1.14 -2.28 -23.52
C LEU C 85 2.46 -2.61 -22.83
N PHE C 86 3.38 -1.66 -22.82
CA PHE C 86 4.53 -1.72 -21.93
C PHE C 86 4.02 -1.35 -20.54
N ILE C 87 3.87 -2.35 -19.67
CA ILE C 87 3.17 -2.15 -18.40
C ILE C 87 4.12 -1.66 -17.31
N GLY C 88 5.39 -1.50 -17.65
CA GLY C 88 6.33 -0.93 -16.72
C GLY C 88 6.70 0.48 -17.09
N ASP C 89 5.89 1.12 -17.92
CA ASP C 89 6.20 2.44 -18.45
C ASP C 89 4.89 3.08 -18.92
N GLY C 90 4.92 4.38 -19.14
CA GLY C 90 3.79 5.06 -19.77
C GLY C 90 2.66 5.30 -18.82
N VAL C 91 1.45 4.90 -19.21
CA VAL C 91 0.30 5.13 -18.35
C VAL C 91 0.28 4.14 -17.19
N PHE C 92 0.88 2.97 -17.35
CA PHE C 92 0.83 1.91 -16.35
C PHE C 92 1.92 2.04 -15.30
N LYS C 93 2.79 3.05 -15.41
CA LYS C 93 4.02 3.07 -14.64
C LYS C 93 3.78 3.36 -13.17
N THR C 94 2.88 4.30 -12.87
CA THR C 94 2.57 4.66 -11.49
C THR C 94 1.46 3.81 -10.89
N THR C 95 0.98 2.83 -11.63
CA THR C 95 -0.13 1.99 -11.23
C THR C 95 0.41 0.86 -10.32
N LEU C 96 -0.44 0.40 -9.39
CA LEU C 96 -0.05 -0.63 -8.42
C LEU C 96 0.38 -1.93 -9.09
N LEU C 97 -0.25 -2.30 -10.20
CA LEU C 97 0.30 -3.36 -11.04
C LEU C 97 1.69 -2.98 -11.52
N GLY C 98 1.81 -1.87 -12.23
CA GLY C 98 3.06 -1.47 -12.81
C GLY C 98 4.07 -0.84 -11.87
N GLU C 99 3.82 -0.81 -10.57
CA GLU C 99 4.87 -0.47 -9.62
C GLU C 99 5.44 -1.70 -8.92
N ILE C 100 4.70 -2.79 -8.89
CA ILE C 100 5.22 -4.08 -8.48
C ILE C 100 5.86 -4.83 -9.66
N VAL C 101 5.38 -4.59 -10.89
CA VAL C 101 5.99 -5.13 -12.10
C VAL C 101 7.43 -4.64 -12.27
N GLN C 102 7.72 -3.40 -11.86
CA GLN C 102 9.09 -2.91 -11.95
C GLN C 102 9.98 -3.36 -10.81
N TYR C 103 9.48 -4.14 -9.88
CA TYR C 103 10.35 -4.81 -8.93
C TYR C 103 10.90 -6.13 -9.46
N TYR C 104 10.50 -6.53 -10.66
CA TYR C 104 10.89 -7.81 -11.23
C TYR C 104 11.29 -7.58 -12.68
N THR C 105 12.14 -8.46 -13.19
CA THR C 105 12.67 -8.26 -14.54
C THR C 105 11.74 -8.86 -15.59
N HIS C 106 11.15 -10.00 -15.33
CA HIS C 106 10.33 -10.71 -16.29
C HIS C 106 8.88 -10.79 -15.83
N TRP C 107 7.96 -10.66 -16.78
CA TRP C 107 6.55 -10.86 -16.48
C TRP C 107 5.94 -11.75 -17.55
N SER C 108 4.89 -12.45 -17.17
CA SER C 108 4.15 -13.32 -18.07
C SER C 108 2.74 -13.46 -17.54
N GLY C 109 1.79 -13.58 -18.44
CA GLY C 109 0.44 -13.82 -18.02
C GLY C 109 -0.52 -12.87 -18.68
N SER C 110 -1.77 -12.93 -18.24
CA SER C 110 -2.81 -12.11 -18.82
C SER C 110 -3.12 -10.92 -17.93
N LEU C 111 -3.37 -9.79 -18.57
CA LEU C 111 -3.78 -8.58 -17.89
C LEU C 111 -5.30 -8.52 -17.85
N ARG C 112 -5.84 -7.75 -16.93
CA ARG C 112 -7.28 -7.57 -16.77
C ARG C 112 -7.56 -6.07 -16.82
N PHE C 113 -8.11 -5.61 -17.92
CA PHE C 113 -8.38 -4.18 -18.15
C PHE C 113 -9.86 -3.90 -17.99
N SER C 114 -10.19 -2.86 -17.23
CA SER C 114 -11.57 -2.49 -16.97
C SER C 114 -11.82 -1.05 -17.40
N LEU C 115 -13.09 -0.75 -17.67
CA LEU C 115 -13.54 0.61 -17.99
C LEU C 115 -14.88 0.82 -17.30
N MET C 116 -15.02 1.93 -16.57
CA MET C 116 -16.27 2.26 -15.90
C MET C 116 -16.82 3.56 -16.45
N TYR C 117 -18.07 3.53 -16.88
CA TYR C 117 -18.72 4.68 -17.48
C TYR C 117 -19.41 5.51 -16.40
N THR C 118 -19.15 6.82 -16.39
CA THR C 118 -19.68 7.69 -15.35
C THR C 118 -20.50 8.83 -15.93
N GLY C 119 -21.35 8.54 -16.91
CA GLY C 119 -22.25 9.53 -17.45
C GLY C 119 -23.61 9.41 -16.81
N PRO C 120 -24.59 10.15 -17.32
CA PRO C 120 -25.95 10.04 -16.78
C PRO C 120 -26.59 8.69 -17.07
N ALA C 121 -27.50 8.29 -16.19
CA ALA C 121 -28.21 7.04 -16.32
C ALA C 121 -29.16 7.01 -17.51
N LEU C 122 -29.60 8.17 -17.98
CA LEU C 122 -30.44 8.26 -19.16
C LEU C 122 -29.63 8.37 -20.45
N SER C 123 -28.31 8.28 -20.36
CA SER C 123 -27.44 8.29 -21.53
C SER C 123 -27.15 6.87 -21.98
N SER C 124 -26.63 6.73 -23.19
CA SER C 124 -26.31 5.43 -23.77
C SER C 124 -25.11 5.56 -24.69
N ALA C 125 -24.35 4.48 -24.82
CA ALA C 125 -23.22 4.43 -25.73
C ALA C 125 -22.92 2.98 -26.08
N LYS C 126 -22.17 2.81 -27.16
CA LYS C 126 -21.57 1.53 -27.49
C LYS C 126 -20.12 1.80 -27.88
N LEU C 127 -19.19 1.14 -27.21
CA LEU C 127 -17.78 1.29 -27.46
C LEU C 127 -17.15 -0.06 -27.75
N ILE C 128 -16.05 -0.05 -28.49
CA ILE C 128 -15.33 -1.25 -28.87
C ILE C 128 -13.89 -1.17 -28.38
N LEU C 129 -13.55 -2.04 -27.43
CA LEU C 129 -12.23 -2.06 -26.81
C LEU C 129 -11.43 -3.18 -27.44
N ALA C 130 -10.32 -2.85 -28.08
CA ALA C 130 -9.57 -3.79 -28.89
C ALA C 130 -8.12 -3.91 -28.41
N TYR C 131 -7.59 -5.12 -28.46
CA TYR C 131 -6.20 -5.39 -28.17
C TYR C 131 -5.54 -5.85 -29.47
N THR C 132 -4.45 -5.17 -29.85
CA THR C 132 -3.70 -5.54 -31.03
C THR C 132 -2.50 -6.38 -30.61
N PRO C 133 -2.43 -7.65 -31.01
CA PRO C 133 -1.27 -8.49 -30.67
C PRO C 133 -0.03 -8.00 -31.39
N PRO C 134 1.16 -8.27 -30.84
CA PRO C 134 2.38 -7.67 -31.41
C PRO C 134 2.74 -8.21 -32.78
N GLY C 135 3.40 -7.37 -33.57
CA GLY C 135 3.73 -7.71 -34.94
C GLY C 135 3.16 -6.69 -35.91
N ALA C 136 1.96 -6.20 -35.60
CA ALA C 136 1.29 -5.18 -36.37
C ALA C 136 1.44 -3.83 -35.66
N ARG C 137 1.12 -2.76 -36.38
CA ARG C 137 1.22 -1.42 -35.82
C ARG C 137 0.03 -1.13 -34.93
N GLY C 138 0.04 0.05 -34.30
CA GLY C 138 -1.12 0.54 -33.60
C GLY C 138 -2.21 0.91 -34.58
N PRO C 139 -3.44 0.45 -34.32
CA PRO C 139 -4.53 0.65 -35.28
C PRO C 139 -4.95 2.11 -35.38
N GLN C 140 -5.21 2.55 -36.60
CA GLN C 140 -5.47 3.97 -36.87
C GLN C 140 -6.91 4.24 -37.29
N ASP C 141 -7.69 3.21 -37.61
CA ASP C 141 -9.13 3.34 -37.72
C ASP C 141 -9.79 2.16 -37.00
N ARG C 142 -11.11 2.22 -36.89
CA ARG C 142 -11.84 1.19 -36.17
C ARG C 142 -11.80 -0.17 -36.86
N ARG C 143 -11.72 -0.19 -38.19
CA ARG C 143 -11.67 -1.46 -38.91
C ARG C 143 -10.35 -2.19 -38.67
N GLU C 144 -9.26 -1.45 -38.48
CA GLU C 144 -7.98 -2.06 -38.15
C GLU C 144 -8.02 -2.74 -36.79
N ALA C 145 -8.55 -2.06 -35.78
CA ALA C 145 -8.66 -2.64 -34.45
C ALA C 145 -9.73 -3.70 -34.37
N MET C 146 -10.69 -3.69 -35.30
CA MET C 146 -11.75 -4.68 -35.35
C MET C 146 -11.22 -6.08 -35.67
N LEU C 147 -10.05 -6.17 -36.30
CA LEU C 147 -9.49 -7.45 -36.70
C LEU C 147 -8.70 -8.13 -35.58
N GLY C 148 -8.59 -7.53 -34.41
CA GLY C 148 -7.85 -8.10 -33.31
C GLY C 148 -8.75 -8.63 -32.22
N THR C 149 -8.17 -8.81 -31.04
CA THR C 149 -8.93 -9.23 -29.86
C THR C 149 -9.75 -8.04 -29.37
N HIS C 150 -11.06 -8.10 -29.59
CA HIS C 150 -11.91 -6.96 -29.27
C HIS C 150 -13.18 -7.44 -28.58
N VAL C 151 -13.79 -6.53 -27.83
CA VAL C 151 -15.14 -6.73 -27.31
C VAL C 151 -15.95 -5.50 -27.68
N VAL C 152 -17.23 -5.69 -27.98
CA VAL C 152 -18.18 -4.60 -28.11
C VAL C 152 -18.86 -4.42 -26.77
N TRP C 153 -18.82 -3.21 -26.24
CA TRP C 153 -19.34 -2.90 -24.92
C TRP C 153 -20.64 -2.13 -25.07
N ASP C 154 -21.73 -2.72 -24.61
CA ASP C 154 -23.00 -2.02 -24.48
C ASP C 154 -23.09 -1.40 -23.09
N ILE C 155 -23.24 -0.09 -23.03
CA ILE C 155 -23.28 0.64 -21.77
C ILE C 155 -24.73 0.64 -21.27
N GLY C 156 -24.93 0.17 -20.04
CA GLY C 156 -26.25 0.07 -19.47
C GLY C 156 -26.25 0.10 -17.96
N LEU C 157 -27.06 -0.75 -17.34
CA LEU C 157 -27.20 -0.79 -15.89
C LEU C 157 -25.91 -1.25 -15.22
N GLN C 158 -25.23 -2.23 -15.81
CA GLN C 158 -23.90 -2.61 -15.38
C GLN C 158 -22.90 -1.67 -16.04
N SER C 159 -22.20 -0.88 -15.23
CA SER C 159 -21.42 0.24 -15.73
C SER C 159 -20.01 -0.15 -16.16
N THR C 160 -19.58 -1.38 -15.91
CA THR C 160 -18.21 -1.79 -16.20
C THR C 160 -18.15 -2.86 -17.27
N ILE C 161 -17.22 -2.70 -18.21
CA ILE C 161 -16.74 -3.79 -19.04
C ILE C 161 -15.39 -4.25 -18.48
N VAL C 162 -15.14 -5.54 -18.57
CA VAL C 162 -13.87 -6.11 -18.16
C VAL C 162 -13.33 -6.86 -19.37
N MET C 163 -12.32 -6.31 -20.04
CA MET C 163 -11.75 -6.93 -21.22
C MET C 163 -10.31 -7.32 -20.89
N THR C 164 -10.11 -8.62 -20.68
CA THR C 164 -8.78 -9.14 -20.40
C THR C 164 -7.90 -9.05 -21.64
N ILE C 165 -6.63 -8.73 -21.42
CA ILE C 165 -5.63 -8.82 -22.48
C ILE C 165 -4.99 -10.21 -22.34
N PRO C 166 -5.33 -11.15 -23.21
CA PRO C 166 -4.81 -12.51 -23.05
C PRO C 166 -3.37 -12.60 -23.51
N TRP C 167 -2.69 -13.63 -23.02
CA TRP C 167 -1.26 -13.82 -23.25
C TRP C 167 -1.04 -14.30 -24.67
N THR C 168 -0.70 -13.36 -25.55
CA THR C 168 -0.43 -13.65 -26.96
C THR C 168 1.04 -13.41 -27.19
N SER C 169 1.86 -14.44 -27.02
CA SER C 169 3.30 -14.30 -27.13
C SER C 169 3.91 -15.61 -27.56
N GLY C 170 4.97 -15.53 -28.36
CA GLY C 170 5.72 -16.70 -28.74
C GLY C 170 6.68 -17.12 -27.64
N VAL C 171 7.45 -16.16 -27.12
CA VAL C 171 8.32 -16.41 -25.99
C VAL C 171 7.48 -16.46 -24.72
N GLN C 172 7.96 -17.17 -23.70
CA GLN C 172 7.16 -17.42 -22.51
C GLN C 172 7.18 -16.29 -21.51
N PHE C 173 8.10 -15.34 -21.62
CA PHE C 173 8.23 -14.28 -20.63
C PHE C 173 8.60 -12.99 -21.35
N ARG C 174 8.08 -11.87 -20.86
CA ARG C 174 8.40 -10.56 -21.38
C ARG C 174 9.17 -9.75 -20.36
N TYR C 175 10.06 -8.90 -20.85
CA TYR C 175 10.75 -7.96 -19.99
C TYR C 175 9.80 -6.89 -19.48
N THR C 176 9.89 -6.61 -18.19
CA THR C 176 9.07 -5.57 -17.58
C THR C 176 9.53 -4.19 -18.02
N ASP C 177 10.84 -3.99 -18.10
CA ASP C 177 11.40 -2.86 -18.83
C ASP C 177 11.00 -2.97 -20.30
N PRO C 178 10.65 -1.85 -20.96
CA PRO C 178 10.26 -1.92 -22.37
C PRO C 178 11.35 -2.41 -23.31
N ASP C 179 11.04 -3.50 -24.02
CA ASP C 179 11.93 -4.12 -24.98
C ASP C 179 11.16 -4.36 -26.25
N THR C 180 11.80 -4.12 -27.39
CA THR C 180 11.15 -4.28 -28.68
C THR C 180 10.83 -5.75 -29.01
N TYR C 181 11.73 -6.68 -28.67
CA TYR C 181 11.49 -8.08 -28.97
C TYR C 181 10.35 -8.66 -28.13
N THR C 182 10.29 -8.29 -26.85
CA THR C 182 9.23 -8.74 -25.96
C THR C 182 8.17 -7.67 -25.75
N SER C 183 7.83 -6.94 -26.81
CA SER C 183 6.72 -6.01 -26.76
C SER C 183 5.41 -6.76 -26.65
N ALA C 184 4.41 -6.09 -26.09
CA ALA C 184 3.15 -6.74 -25.73
C ALA C 184 2.00 -6.40 -26.66
N GLY C 185 2.13 -5.37 -27.46
CA GLY C 185 1.05 -4.95 -28.33
C GLY C 185 0.49 -3.60 -27.98
N PHE C 186 -0.76 -3.39 -28.41
CA PHE C 186 -1.41 -2.10 -28.34
C PHE C 186 -2.84 -2.28 -27.84
N LEU C 187 -3.38 -1.22 -27.25
CA LEU C 187 -4.71 -1.22 -26.67
C LEU C 187 -5.40 0.07 -27.08
N SER C 188 -6.66 -0.02 -27.50
CA SER C 188 -7.38 1.18 -27.93
C SER C 188 -8.88 0.97 -27.74
N CYS C 189 -9.61 2.07 -27.80
CA CYS C 189 -11.07 2.04 -27.73
C CYS C 189 -11.64 3.00 -28.76
N TRP C 190 -12.77 2.62 -29.33
CA TRP C 190 -13.39 3.36 -30.41
C TRP C 190 -14.89 3.43 -30.16
N TYR C 191 -15.54 4.38 -30.82
CA TYR C 191 -16.99 4.42 -30.80
C TYR C 191 -17.55 3.32 -31.69
N GLN C 192 -18.37 2.44 -31.11
CA GLN C 192 -19.03 1.44 -31.93
C GLN C 192 -20.22 2.05 -32.65
N THR C 193 -21.09 2.76 -31.93
CA THR C 193 -22.11 3.57 -32.58
C THR C 193 -21.90 5.05 -32.31
N SER C 194 -22.06 5.51 -31.07
CA SER C 194 -22.00 6.92 -30.69
C SER C 194 -22.18 7.00 -29.17
N LEU C 195 -22.12 8.21 -28.64
CA LEU C 195 -22.59 8.55 -27.31
C LEU C 195 -23.82 9.42 -27.47
N ILE C 196 -24.93 9.01 -26.85
CA ILE C 196 -26.18 9.76 -26.89
C ILE C 196 -26.43 10.28 -25.48
N LEU C 197 -26.48 11.59 -25.34
CA LEU C 197 -26.80 12.20 -24.07
C LEU C 197 -28.31 12.47 -24.00
N PRO C 198 -28.89 12.46 -22.80
CA PRO C 198 -30.30 12.82 -22.67
C PRO C 198 -30.48 14.31 -22.86
N PRO C 199 -31.72 14.77 -23.13
CA PRO C 199 -31.95 16.21 -23.25
C PRO C 199 -31.73 16.93 -21.93
N GLU C 200 -31.41 18.22 -22.06
CA GLU C 200 -31.05 19.14 -20.98
C GLU C 200 -29.80 18.68 -20.22
N THR C 201 -28.92 17.96 -20.91
CA THR C 201 -27.60 17.63 -20.38
C THR C 201 -26.59 17.92 -21.48
N THR C 202 -25.59 18.75 -21.17
CA THR C 202 -24.53 19.06 -22.14
C THR C 202 -23.17 18.67 -21.58
N GLY C 203 -22.16 18.67 -22.44
CA GLY C 203 -20.79 18.52 -21.99
C GLY C 203 -20.22 17.13 -22.20
N GLN C 204 -19.15 16.87 -21.46
CA GLN C 204 -18.41 15.62 -21.57
C GLN C 204 -18.75 14.70 -20.41
N VAL C 205 -18.85 13.41 -20.71
CA VAL C 205 -18.86 12.38 -19.71
C VAL C 205 -17.51 11.69 -19.76
N TYR C 206 -17.26 10.82 -18.78
CA TYR C 206 -15.91 10.31 -18.57
C TYR C 206 -15.91 8.80 -18.40
N LEU C 207 -14.76 8.20 -18.66
CA LEU C 207 -14.49 6.80 -18.40
C LEU C 207 -13.42 6.69 -17.32
N LEU C 208 -13.42 5.56 -16.62
CA LEU C 208 -12.43 5.29 -15.59
C LEU C 208 -11.78 3.96 -15.93
N SER C 209 -10.48 3.98 -16.19
CA SER C 209 -9.76 2.78 -16.62
C SER C 209 -9.05 2.12 -15.45
N PHE C 210 -9.18 0.80 -15.37
CA PHE C 210 -8.56 0.00 -14.33
C PHE C 210 -7.68 -1.06 -14.98
N ILE C 211 -6.63 -1.47 -14.27
CA ILE C 211 -5.84 -2.62 -14.69
C ILE C 211 -5.56 -3.47 -13.45
N SER C 212 -5.57 -4.78 -13.67
CA SER C 212 -5.13 -5.73 -12.65
C SER C 212 -4.56 -6.93 -13.39
N ALA C 213 -4.05 -7.88 -12.62
CA ALA C 213 -3.50 -9.10 -13.16
C ALA C 213 -4.48 -10.25 -12.97
N CYS C 214 -4.50 -11.17 -13.92
CA CYS C 214 -5.24 -12.40 -13.81
C CYS C 214 -4.51 -13.34 -12.84
N PRO C 215 -5.16 -14.44 -12.39
CA PRO C 215 -4.40 -15.49 -11.70
C PRO C 215 -3.41 -16.24 -12.58
N ASP C 216 -3.42 -16.00 -13.88
CA ASP C 216 -2.50 -16.47 -14.90
C ASP C 216 -1.14 -15.77 -14.81
N PHE C 217 -1.03 -14.72 -14.00
CA PHE C 217 0.13 -13.83 -14.02
C PHE C 217 1.34 -14.44 -13.33
N LYS C 218 2.51 -14.23 -13.94
CA LYS C 218 3.80 -14.66 -13.41
C LYS C 218 4.72 -13.46 -13.34
N LEU C 219 5.70 -13.53 -12.44
CA LEU C 219 6.57 -12.39 -12.17
C LEU C 219 7.84 -12.89 -11.50
N ARG C 220 9.00 -12.76 -12.16
CA ARG C 220 10.22 -13.36 -11.63
C ARG C 220 11.41 -12.42 -11.82
N LEU C 221 12.54 -12.80 -11.19
CA LEU C 221 13.85 -12.14 -11.24
C LEU C 221 13.77 -10.70 -10.70
N MET C 222 13.68 -10.65 -9.37
CA MET C 222 13.59 -9.41 -8.62
C MET C 222 14.77 -8.48 -8.87
N LYS C 223 14.47 -7.19 -9.05
CA LYS C 223 15.43 -6.14 -9.34
C LYS C 223 15.08 -4.91 -8.51
N ASP C 224 15.83 -3.83 -8.71
CA ASP C 224 15.48 -2.55 -8.09
C ASP C 224 14.72 -1.67 -9.08
N THR C 225 13.76 -0.92 -8.55
CA THR C 225 12.86 -0.13 -9.38
C THR C 225 13.43 1.24 -9.66
N GLN C 226 12.88 1.89 -10.68
CA GLN C 226 13.33 3.21 -11.13
C GLN C 226 12.40 4.32 -10.68
N THR C 227 11.39 4.02 -9.88
CA THR C 227 10.35 4.96 -9.51
C THR C 227 10.78 5.90 -8.38
N ILE C 228 11.80 5.52 -7.61
CA ILE C 228 12.30 6.34 -6.51
C ILE C 228 13.81 6.45 -6.62
N SER C 229 14.36 7.50 -6.01
CA SER C 229 15.80 7.67 -5.88
C SER C 229 16.04 8.63 -4.72
N GLN C 230 17.31 8.71 -4.31
CA GLN C 230 17.75 9.77 -3.42
C GLN C 230 19.20 10.09 -3.74
N THR C 231 19.59 11.32 -3.40
CA THR C 231 20.96 11.77 -3.57
C THR C 231 21.72 11.86 -2.26
N VAL C 232 21.01 12.02 -1.15
CA VAL C 232 21.61 12.03 0.17
C VAL C 232 20.73 11.20 1.09
N ALA C 233 21.31 10.70 2.17
CA ALA C 233 20.56 9.91 3.14
C ALA C 233 19.63 10.79 3.96
N LEU C 234 18.58 10.18 4.51
CA LEU C 234 17.60 10.93 5.27
C LEU C 234 17.92 10.90 6.75
N THR C 235 17.51 11.97 7.44
CA THR C 235 17.74 12.13 8.87
C THR C 235 16.39 12.26 9.57
N GLU C 236 16.36 11.90 10.85
CA GLU C 236 15.12 11.89 11.62
C GLU C 236 14.73 13.29 12.09
N SER D 1 14.39 -33.85 -8.68
CA SER D 1 13.57 -33.56 -7.50
C SER D 1 14.31 -33.93 -6.22
N ASN D 2 15.49 -33.35 -6.03
CA ASN D 2 16.27 -33.59 -4.83
C ASN D 2 15.71 -32.77 -3.66
N GLN D 3 16.12 -33.16 -2.45
CA GLN D 3 15.74 -32.48 -1.23
C GLN D 3 17.00 -31.99 -0.52
N THR D 4 16.98 -30.75 -0.05
CA THR D 4 18.14 -30.20 0.62
C THR D 4 18.28 -30.76 2.03
N PHE D 5 19.52 -30.80 2.50
CA PHE D 5 19.87 -31.49 3.74
C PHE D 5 20.23 -30.52 4.86
N THR D 6 20.03 -29.23 4.64
CA THR D 6 20.50 -28.20 5.56
C THR D 6 19.47 -27.83 6.62
N TYR D 7 18.91 -28.85 7.24
CA TYR D 7 17.84 -28.68 8.23
C TYR D 7 18.33 -28.78 9.67
N ILE D 8 19.64 -28.73 9.90
CA ILE D 8 20.19 -28.80 11.26
C ILE D 8 20.42 -27.38 11.76
N ASN D 9 19.67 -26.97 12.77
CA ASN D 9 19.83 -25.66 13.38
C ASN D 9 20.98 -25.71 14.38
N TYR D 10 21.90 -24.75 14.26
CA TYR D 10 23.10 -24.77 15.07
C TYR D 10 22.97 -23.98 16.36
N TYR D 11 22.04 -23.04 16.42
CA TYR D 11 21.88 -22.16 17.56
C TYR D 11 20.58 -22.46 18.29
N LYS D 12 20.44 -21.88 19.48
CA LYS D 12 19.31 -22.19 20.35
C LYS D 12 18.11 -21.31 20.08
N ASP D 13 18.30 -20.19 19.39
CA ASP D 13 17.21 -19.23 19.22
C ASP D 13 16.54 -19.41 17.86
N ALA D 14 15.23 -19.14 17.85
CA ALA D 14 14.45 -19.21 16.62
C ALA D 14 14.65 -17.99 15.73
N ALA D 15 15.17 -16.90 16.26
CA ALA D 15 15.55 -15.74 15.48
C ALA D 15 16.85 -15.97 14.73
N SER D 16 17.63 -16.95 15.15
CA SER D 16 18.92 -17.26 14.58
C SER D 16 18.83 -18.09 13.30
N THR D 17 17.66 -18.65 13.00
CA THR D 17 17.51 -19.60 11.90
C THR D 17 17.43 -18.84 10.57
N SER D 18 17.24 -19.59 9.50
CA SER D 18 17.18 -19.01 8.16
C SER D 18 15.73 -18.68 7.81
N SER D 19 15.47 -18.37 6.55
CA SER D 19 14.18 -17.87 6.12
C SER D 19 13.12 -18.97 6.16
N ALA D 20 11.86 -18.54 6.33
CA ALA D 20 10.78 -19.47 6.63
C ALA D 20 10.34 -20.28 5.42
N GLY D 21 10.45 -19.72 4.21
CA GLY D 21 9.98 -20.40 3.02
C GLY D 21 8.64 -19.86 2.55
N GLN D 22 8.18 -20.42 1.44
CA GLN D 22 6.94 -19.95 0.82
C GLN D 22 5.75 -20.39 1.66
N SER D 23 4.76 -19.50 1.79
CA SER D 23 3.58 -19.79 2.59
C SER D 23 2.69 -20.82 1.94
N LEU D 24 2.50 -20.73 0.62
CA LEU D 24 1.50 -21.50 -0.15
C LEU D 24 0.10 -21.35 0.44
N SER D 25 -0.24 -20.13 0.86
CA SER D 25 -1.56 -19.83 1.38
C SER D 25 -2.44 -19.18 0.31
N MET D 26 -2.00 -18.04 -0.25
CA MET D 26 -2.43 -17.50 -1.55
C MET D 26 -3.94 -17.24 -1.59
N ASP D 27 -4.36 -16.25 -0.80
CA ASP D 27 -5.77 -15.85 -0.78
C ASP D 27 -5.88 -14.40 -1.22
N PRO D 28 -6.16 -14.13 -2.51
CA PRO D 28 -6.37 -12.75 -2.94
C PRO D 28 -7.76 -12.22 -2.66
N SER D 29 -8.69 -13.08 -2.24
CA SER D 29 -10.11 -12.78 -2.12
C SER D 29 -10.43 -11.74 -1.07
N LYS D 30 -9.59 -11.55 -0.05
CA LYS D 30 -9.88 -10.53 0.96
C LYS D 30 -9.51 -9.13 0.50
N PHE D 31 -8.83 -8.99 -0.64
CA PHE D 31 -8.63 -7.71 -1.27
C PHE D 31 -9.44 -7.56 -2.55
N THR D 32 -9.59 -8.63 -3.32
CA THR D 32 -10.28 -8.57 -4.59
C THR D 32 -11.79 -8.64 -4.43
N GLU D 33 -12.29 -9.43 -3.47
CA GLU D 33 -13.72 -9.51 -3.20
C GLU D 33 -14.01 -9.30 -1.72
N PRO D 34 -13.85 -8.06 -1.20
CA PRO D 34 -14.17 -7.80 0.21
C PRO D 34 -15.62 -7.39 0.43
N VAL D 35 -16.55 -8.11 -0.17
CA VAL D 35 -17.94 -7.70 -0.20
C VAL D 35 -18.77 -8.58 0.73
N LYS D 36 -19.93 -8.08 1.13
CA LYS D 36 -20.77 -8.78 2.07
C LYS D 36 -21.59 -9.88 1.39
N ASP D 37 -22.28 -9.54 0.30
CA ASP D 37 -22.98 -10.55 -0.48
C ASP D 37 -22.04 -11.12 -1.54
N LEU D 38 -21.99 -12.45 -1.60
CA LEU D 38 -21.15 -13.15 -2.56
C LEU D 38 -21.61 -12.85 -3.98
N MET D 39 -20.66 -12.55 -4.85
CA MET D 39 -20.94 -12.07 -6.19
C MET D 39 -20.42 -13.07 -7.19
N LEU D 40 -21.33 -13.78 -7.84
CA LEU D 40 -20.96 -14.76 -8.85
C LEU D 40 -20.53 -14.06 -10.12
N LYS D 41 -19.82 -14.79 -10.97
CA LYS D 41 -19.30 -14.28 -12.22
C LYS D 41 -20.20 -14.78 -13.34
N GLY D 42 -20.78 -13.86 -14.09
CA GLY D 42 -21.77 -14.22 -15.09
C GLY D 42 -23.12 -13.67 -14.73
N ALA D 43 -23.43 -13.69 -13.43
CA ALA D 43 -24.64 -13.08 -12.94
C ALA D 43 -24.51 -11.56 -13.01
N PRO D 44 -25.63 -10.83 -13.08
CA PRO D 44 -25.57 -9.38 -12.89
C PRO D 44 -25.10 -9.04 -11.49
N ALA D 45 -24.28 -8.00 -11.41
CA ALA D 45 -23.72 -7.62 -10.12
C ALA D 45 -24.78 -7.04 -9.19
N LEU D 46 -25.72 -6.29 -9.75
CA LEU D 46 -26.74 -5.62 -8.98
C LEU D 46 -28.12 -6.15 -9.34
N ASN D 47 -28.98 -6.23 -8.32
CA ASN D 47 -30.36 -6.74 -8.39
C ASN D 47 -30.39 -8.17 -8.94
#